data_6LGW
#
_entry.id   6LGW
#
_cell.length_a   82.892
_cell.length_b   93.943
_cell.length_c   213.491
_cell.angle_alpha   90.000
_cell.angle_beta   90.000
_cell.angle_gamma   90.000
#
_symmetry.space_group_name_H-M   'P 21 21 21'
#
loop_
_entity.id
_entity.type
_entity.pdbx_description
1 polymer 'scFv 523-11'
2 polymer Glycoprotein
#
loop_
_entity_poly.entity_id
_entity_poly.type
_entity_poly.pdbx_seq_one_letter_code
_entity_poly.pdbx_strand_id
1 'polypeptide(L)'
;EVQLQQFGAELVKPGASVKISCKASGYTFTDYNMDWVKQSHGKSLQWIGDISPYYGSTGYSQKFKGKATLTVDRSSSTAY
MELRSLTSEDTAVYYCARRNYDGSWFAYWGQGTLVTVSSMELVMTQSPAILSVSPGERVSFSCRASQIIGTSIHWYQQRT
NGSPRLLIKYASESISGIPSRFSGSGSGTDFTLTINSVESDDIADYYCQQSNSWPVTFGAGTKLELKR
;
A,C
2 'polypeptide(L)'
;ADEFKFPIYTIPDELGPWSPIDIHHLSCPNNLVVEDEGCTNLSEFSYMELKVGYISAIKVNGFTCTGVVTEAETYTGGSG
GTTFKRKHFRPTPDACRAAYNWKMAGDPRYEESLHNPYGGSGGRTTKESLIIISPSVTDLDPYDKSLHSRVFPGGKCSGI
TVSSTYCSTNHDYTIWMPENPRPRTPCDIFTNSRGKRASNGNKTCGFVDERGLYKSLKGACRLKLCGVLGLRLMDGTWVA
MQTSDETKWCPPDQLVNLHDFRSDEIEHLVVEELVKKREECLDALESIMTTKSVSFRRLSHLRKLVPGFGKAYTIFNKTL
MEADAHYKSVRTWNEIIPSKGCLKVGGRCHPHVNGVFFNGIILGPDDHVLIPEMQSSLLQQHMELLKSSVIPLMHPLADP
STVHHHHHH
;
E,F
#
# COMPACT_ATOMS: atom_id res chain seq x y z
CA GLU A 1 5.55 -64.28 51.94
C GLU A 1 6.08 -64.13 50.51
N VAL A 2 6.35 -62.90 50.12
CA VAL A 2 6.86 -62.60 48.78
C VAL A 2 8.18 -61.84 48.90
N GLN A 3 9.14 -62.18 48.04
CA GLN A 3 10.47 -61.59 48.10
C GLN A 3 10.99 -61.27 46.71
N LEU A 4 11.61 -60.11 46.58
CA LEU A 4 12.29 -59.68 45.35
C LEU A 4 13.78 -59.56 45.69
N GLN A 5 14.51 -60.66 45.55
CA GLN A 5 15.92 -60.68 45.90
C GLN A 5 16.73 -59.88 44.88
N GLN A 6 17.59 -59.00 45.40
CA GLN A 6 18.55 -58.25 44.59
C GLN A 6 19.94 -58.39 45.20
N PHE A 7 20.94 -58.20 44.34
CA PHE A 7 22.33 -58.32 44.75
C PHE A 7 22.80 -56.99 45.33
N GLY A 8 23.83 -57.06 46.18
CA GLY A 8 24.25 -55.89 46.93
C GLY A 8 24.66 -54.66 46.14
N ALA A 9 25.77 -54.75 45.40
CA ALA A 9 26.26 -53.59 44.67
C ALA A 9 27.22 -54.03 43.57
N GLU A 10 27.39 -53.16 42.58
CA GLU A 10 28.36 -53.33 41.50
C GLU A 10 29.16 -52.06 41.29
N LEU A 11 30.48 -52.20 41.24
CA LEU A 11 31.41 -51.11 40.95
C LEU A 11 31.85 -51.22 39.50
N VAL A 12 31.42 -50.25 38.67
CA VAL A 12 31.67 -50.28 37.25
C VAL A 12 32.47 -49.03 36.87
N LYS A 13 32.96 -49.03 35.61
CA LYS A 13 33.82 -48.11 34.89
C LYS A 13 33.02 -47.26 33.91
N PRO A 14 33.39 -46.01 33.70
CA PRO A 14 32.64 -45.16 32.76
C PRO A 14 32.69 -45.73 31.35
N GLY A 15 31.52 -45.76 30.70
CA GLY A 15 31.42 -46.29 29.36
C GLY A 15 31.10 -47.76 29.28
N ALA A 16 31.14 -48.49 30.39
CA ALA A 16 30.88 -49.92 30.39
C ALA A 16 29.40 -50.19 30.66
N SER A 17 29.05 -51.46 30.81
CA SER A 17 27.70 -51.86 31.15
C SER A 17 27.68 -52.67 32.44
N VAL A 18 26.46 -52.85 32.94
CA VAL A 18 26.20 -53.71 34.08
C VAL A 18 24.78 -54.23 33.94
N LYS A 19 24.57 -55.45 34.41
CA LYS A 19 23.28 -56.13 34.31
C LYS A 19 22.82 -56.45 35.72
N ILE A 20 21.78 -55.75 36.17
CA ILE A 20 21.24 -55.95 37.50
C ILE A 20 20.17 -57.02 37.43
N SER A 21 20.13 -57.85 38.48
CA SER A 21 19.23 -58.98 38.53
C SER A 21 18.20 -58.76 39.63
N CYS A 22 17.03 -59.34 39.43
CA CYS A 22 15.90 -59.23 40.35
C CYS A 22 15.19 -60.58 40.32
N LYS A 23 15.43 -61.42 41.31
CA LYS A 23 14.81 -62.75 41.35
C LYS A 23 13.54 -62.66 42.20
N ALA A 24 12.39 -62.91 41.58
CA ALA A 24 11.11 -62.82 42.24
C ALA A 24 10.68 -64.19 42.74
N SER A 25 10.08 -64.22 43.93
CA SER A 25 9.53 -65.44 44.49
C SER A 25 8.42 -65.06 45.45
N GLY A 26 7.55 -66.02 45.74
CA GLY A 26 6.36 -65.79 46.55
C GLY A 26 5.10 -65.59 45.74
N TYR A 27 5.24 -65.18 44.49
CA TYR A 27 4.13 -65.04 43.57
C TYR A 27 4.56 -65.66 42.24
N THR A 28 3.60 -65.76 41.31
CA THR A 28 3.90 -66.31 40.00
C THR A 28 4.56 -65.23 39.14
N PHE A 29 5.79 -65.51 38.69
CA PHE A 29 6.59 -64.50 38.00
C PHE A 29 5.88 -63.92 36.78
N THR A 30 5.07 -64.71 36.09
CA THR A 30 4.42 -64.26 34.87
C THR A 30 3.07 -63.59 35.09
N ASP A 31 2.55 -63.62 36.32
CA ASP A 31 1.22 -63.09 36.61
C ASP A 31 1.21 -61.58 36.85
N TYR A 32 2.38 -60.94 36.90
CA TYR A 32 2.47 -59.51 37.12
C TYR A 32 3.58 -58.94 36.25
N ASN A 33 3.48 -57.65 35.94
CA ASN A 33 4.59 -56.97 35.29
C ASN A 33 5.69 -56.68 36.31
N MET A 34 6.85 -56.27 35.81
CA MET A 34 8.00 -55.94 36.63
C MET A 34 8.46 -54.53 36.29
N ASP A 35 8.48 -53.66 37.28
CA ASP A 35 8.91 -52.28 37.10
C ASP A 35 10.34 -52.08 37.62
N TRP A 36 10.96 -50.99 37.17
CA TRP A 36 12.30 -50.62 37.62
C TRP A 36 12.35 -49.12 37.89
N VAL A 37 12.94 -48.72 39.01
CA VAL A 37 13.03 -47.32 39.39
C VAL A 37 14.47 -46.96 39.77
N LYS A 38 14.86 -45.73 39.44
CA LYS A 38 16.16 -45.18 39.82
C LYS A 38 15.98 -44.17 40.95
N GLN A 39 16.92 -44.17 41.89
CA GLN A 39 16.93 -43.21 43.00
C GLN A 39 18.37 -42.77 43.22
N SER A 40 18.67 -41.52 42.85
CA SER A 40 20.00 -40.98 43.11
C SER A 40 20.16 -40.68 44.60
N HIS A 41 21.41 -40.38 44.99
CA HIS A 41 21.73 -40.20 46.41
C HIS A 41 21.05 -38.94 46.91
N GLY A 42 20.04 -39.10 47.78
CA GLY A 42 19.31 -37.97 48.29
C GLY A 42 18.32 -37.36 47.31
N LYS A 43 17.72 -38.19 46.45
CA LYS A 43 16.78 -37.74 45.44
C LYS A 43 15.49 -38.54 45.56
N SER A 44 14.55 -38.25 44.67
CA SER A 44 13.27 -38.95 44.64
C SER A 44 13.38 -40.19 43.75
N LEU A 45 12.26 -40.86 43.54
CA LEU A 45 12.21 -42.07 42.74
C LEU A 45 11.79 -41.73 41.31
N GLN A 46 12.49 -42.32 40.34
CA GLN A 46 12.25 -42.04 38.93
C GLN A 46 11.97 -43.34 38.20
N TRP A 47 10.84 -43.39 37.50
CA TRP A 47 10.44 -44.60 36.80
C TRP A 47 11.24 -44.76 35.51
N ILE A 48 11.86 -45.92 35.36
CA ILE A 48 12.64 -46.25 34.16
C ILE A 48 11.73 -46.93 33.14
N GLY A 49 11.16 -48.07 33.52
CA GLY A 49 10.28 -48.80 32.64
C GLY A 49 9.74 -50.04 33.32
N ASP A 50 8.98 -50.81 32.55
CA ASP A 50 8.40 -52.06 33.03
C ASP A 50 8.39 -53.08 31.90
N ILE A 51 8.29 -54.36 32.29
CA ILE A 51 8.30 -55.46 31.35
C ILE A 51 7.26 -56.49 31.79
N SER A 52 6.59 -57.11 30.82
CA SER A 52 5.67 -58.19 31.10
C SER A 52 6.41 -59.51 30.89
N PRO A 53 6.64 -60.31 31.93
CA PRO A 53 7.34 -61.58 31.73
C PRO A 53 6.63 -62.56 30.80
N TYR A 54 5.32 -62.42 30.58
CA TYR A 54 4.65 -63.32 29.66
C TYR A 54 4.86 -62.87 28.22
N TYR A 55 4.41 -61.66 27.88
CA TYR A 55 4.49 -61.19 26.50
C TYR A 55 5.88 -60.74 26.11
N GLY A 56 6.71 -60.33 27.07
CA GLY A 56 7.97 -59.69 26.73
C GLY A 56 7.84 -58.25 26.28
N SER A 57 6.64 -57.68 26.35
CA SER A 57 6.44 -56.29 25.99
C SER A 57 7.12 -55.38 27.02
N THR A 58 7.74 -54.31 26.54
CA THR A 58 8.46 -53.38 27.39
C THR A 58 7.90 -51.97 27.22
N GLY A 59 7.94 -51.22 28.31
CA GLY A 59 7.62 -49.81 28.28
C GLY A 59 8.71 -49.01 28.94
N TYR A 60 9.09 -47.90 28.29
CA TYR A 60 10.23 -47.10 28.72
C TYR A 60 9.83 -45.63 28.80
N SER A 61 10.36 -44.96 29.83
CA SER A 61 10.35 -43.50 29.84
C SER A 61 11.38 -42.99 28.85
N GLN A 62 11.08 -41.84 28.23
CA GLN A 62 11.94 -41.34 27.16
C GLN A 62 13.37 -41.09 27.62
N LYS A 63 13.56 -40.81 28.91
CA LYS A 63 14.89 -40.51 29.42
C LYS A 63 15.80 -41.74 29.41
N PHE A 64 15.23 -42.94 29.46
CA PHE A 64 16.00 -44.17 29.57
C PHE A 64 16.03 -45.00 28.30
N LYS A 65 15.39 -44.55 27.23
CA LYS A 65 15.39 -45.31 25.98
C LYS A 65 16.77 -45.31 25.38
N GLY A 66 17.36 -46.50 25.21
CA GLY A 66 18.72 -46.66 24.78
C GLY A 66 19.69 -46.87 25.91
N LYS A 67 19.37 -46.36 27.10
CA LYS A 67 20.19 -46.49 28.28
C LYS A 67 19.90 -47.78 29.05
N ALA A 68 18.63 -48.06 29.31
CA ALA A 68 18.23 -49.25 30.03
C ALA A 68 17.56 -50.22 29.08
N THR A 69 17.80 -51.52 29.29
CA THR A 69 17.15 -52.57 28.53
C THR A 69 16.63 -53.63 29.49
N LEU A 70 15.36 -53.98 29.36
CA LEU A 70 14.72 -54.91 30.27
C LEU A 70 14.60 -56.28 29.61
N THR A 71 15.01 -57.32 30.34
CA THR A 71 14.85 -58.70 29.90
C THR A 71 14.33 -59.52 31.07
N VAL A 72 13.93 -60.76 30.77
CA VAL A 72 13.46 -61.69 31.78
C VAL A 72 13.98 -63.08 31.47
N ASP A 73 13.95 -63.93 32.49
CA ASP A 73 14.23 -65.36 32.38
C ASP A 73 13.16 -66.07 33.18
N ARG A 74 12.24 -66.72 32.48
CA ARG A 74 11.05 -67.29 33.09
C ARG A 74 11.34 -68.60 33.80
N SER A 75 12.37 -69.33 33.36
CA SER A 75 12.75 -70.57 34.02
C SER A 75 13.25 -70.33 35.44
N SER A 76 14.00 -69.25 35.66
CA SER A 76 14.53 -68.91 36.97
C SER A 76 13.73 -67.82 37.67
N SER A 77 12.68 -67.30 37.02
CA SER A 77 11.85 -66.24 37.58
C SER A 77 12.69 -65.01 37.95
N THR A 78 13.55 -64.58 37.04
CA THR A 78 14.48 -63.50 37.31
C THR A 78 14.45 -62.47 36.18
N ALA A 79 14.23 -61.21 36.52
CA ALA A 79 14.26 -60.12 35.57
C ALA A 79 15.61 -59.43 35.61
N TYR A 80 16.11 -59.05 34.45
CA TYR A 80 17.40 -58.39 34.32
C TYR A 80 17.19 -57.02 33.68
N MET A 81 18.01 -56.06 34.06
CA MET A 81 18.07 -54.77 33.37
C MET A 81 19.53 -54.42 33.10
N GLU A 82 19.83 -54.06 31.85
CA GLU A 82 21.18 -53.74 31.43
C GLU A 82 21.31 -52.24 31.20
N LEU A 83 22.36 -51.65 31.79
CA LEU A 83 22.74 -50.25 31.62
C LEU A 83 24.11 -50.20 30.96
N ARG A 84 24.18 -49.61 29.77
CA ARG A 84 25.43 -49.47 29.03
C ARG A 84 25.66 -48.02 28.66
N SER A 85 26.93 -47.66 28.49
CA SER A 85 27.41 -46.29 28.29
C SER A 85 27.19 -45.46 29.55
N LEU A 86 27.68 -45.98 30.67
CA LEU A 86 27.44 -45.36 31.96
C LEU A 86 28.27 -44.10 32.13
N THR A 87 27.64 -43.06 32.66
CA THR A 87 28.32 -41.83 33.05
C THR A 87 28.19 -41.68 34.56
N SER A 88 28.78 -40.60 35.09
CA SER A 88 28.67 -40.33 36.52
C SER A 88 27.24 -40.04 36.93
N GLU A 89 26.41 -39.60 35.99
CA GLU A 89 25.00 -39.33 36.24
C GLU A 89 24.18 -40.60 36.44
N ASP A 90 24.72 -41.76 36.07
CA ASP A 90 24.04 -43.03 36.27
C ASP A 90 24.30 -43.66 37.63
N THR A 91 25.25 -43.16 38.41
CA THR A 91 25.51 -43.70 39.74
C THR A 91 24.31 -43.43 40.64
N ALA A 92 23.58 -44.48 41.00
CA ALA A 92 22.35 -44.37 41.78
C ALA A 92 21.97 -45.75 42.29
N VAL A 93 20.89 -45.80 43.08
CA VAL A 93 20.30 -47.05 43.54
C VAL A 93 19.19 -47.45 42.59
N TYR A 94 19.24 -48.67 42.07
CA TYR A 94 18.25 -49.17 41.12
C TYR A 94 17.41 -50.24 41.80
N TYR A 95 16.14 -49.94 42.04
CA TYR A 95 15.19 -50.88 42.60
C TYR A 95 14.38 -51.55 41.51
N CYS A 96 14.03 -52.81 41.73
CA CYS A 96 12.99 -53.49 40.97
C CYS A 96 11.75 -53.60 41.82
N ALA A 97 10.59 -53.34 41.23
CA ALA A 97 9.35 -53.24 41.97
C ALA A 97 8.25 -54.06 41.31
N ARG A 98 7.25 -54.40 42.12
CA ARG A 98 6.11 -55.21 41.71
C ARG A 98 4.85 -54.47 42.13
N ARG A 99 3.98 -54.17 41.16
CA ARG A 99 2.82 -53.33 41.42
C ARG A 99 1.66 -54.15 41.98
N ASN A 100 0.50 -53.50 42.07
CA ASN A 100 -0.73 -54.10 42.56
C ASN A 100 -1.33 -55.00 41.48
N TYR A 101 -2.51 -55.57 41.76
CA TYR A 101 -3.12 -56.44 40.76
C TYR A 101 -3.67 -55.63 39.59
N ASP A 102 -3.92 -54.34 39.80
CA ASP A 102 -4.35 -53.43 38.74
C ASP A 102 -3.26 -52.42 38.35
N GLY A 103 -2.03 -52.63 38.81
CA GLY A 103 -0.91 -51.81 38.38
C GLY A 103 -1.02 -50.34 38.70
N SER A 104 -1.64 -49.99 39.84
CA SER A 104 -1.77 -48.60 40.26
C SER A 104 -0.70 -48.20 41.28
N TRP A 105 -0.52 -48.99 42.33
CA TRP A 105 0.47 -48.69 43.35
C TRP A 105 1.47 -49.84 43.48
N PHE A 106 2.65 -49.50 43.98
CA PHE A 106 3.73 -50.48 44.12
C PHE A 106 3.55 -51.30 45.40
N ALA A 107 3.38 -52.61 45.23
CA ALA A 107 3.13 -53.50 46.36
C ALA A 107 4.40 -53.96 47.04
N TYR A 108 5.44 -54.29 46.27
CA TYR A 108 6.66 -54.83 46.85
C TYR A 108 7.88 -54.21 46.17
N TRP A 109 8.97 -54.13 46.93
CA TRP A 109 10.23 -53.57 46.44
C TRP A 109 11.37 -54.55 46.72
N GLY A 110 12.50 -54.32 46.05
CA GLY A 110 13.70 -55.09 46.28
C GLY A 110 14.68 -54.42 47.23
N GLN A 111 15.76 -55.15 47.53
CA GLN A 111 16.81 -54.61 48.39
C GLN A 111 17.48 -53.40 47.78
N GLY A 112 17.57 -53.36 46.46
CA GLY A 112 18.22 -52.26 45.76
C GLY A 112 19.67 -52.59 45.43
N THR A 113 20.14 -52.05 44.31
CA THR A 113 21.52 -52.23 43.87
C THR A 113 22.12 -50.88 43.54
N LEU A 114 23.09 -50.44 44.35
CA LEU A 114 23.78 -49.17 44.14
C LEU A 114 24.92 -49.39 43.16
N VAL A 115 24.77 -48.91 41.93
CA VAL A 115 25.80 -49.02 40.90
C VAL A 115 26.70 -47.80 40.98
N THR A 116 28.00 -48.03 41.12
CA THR A 116 28.97 -46.95 41.26
C THR A 116 29.82 -46.86 39.98
N VAL A 117 29.88 -45.67 39.41
CA VAL A 117 30.55 -45.42 38.13
C VAL A 117 31.75 -44.51 38.39
N SER A 118 32.95 -45.06 38.24
CA SER A 118 34.19 -44.28 38.30
C SER A 118 35.35 -45.06 37.71
N GLU A 121 4.06 -35.01 30.63
CA GLU A 121 3.97 -35.74 31.89
C GLU A 121 3.41 -34.84 32.99
N LEU A 122 2.87 -35.47 34.04
CA LEU A 122 2.35 -34.76 35.19
C LEU A 122 3.44 -34.62 36.24
N VAL A 123 3.77 -33.40 36.60
CA VAL A 123 4.77 -33.14 37.63
C VAL A 123 4.07 -33.03 38.98
N MET A 124 4.63 -33.68 39.99
CA MET A 124 4.07 -33.65 41.34
C MET A 124 4.93 -32.74 42.20
N THR A 125 4.39 -31.56 42.51
CA THR A 125 5.11 -30.56 43.31
C THR A 125 4.82 -30.84 44.77
N GLN A 126 5.80 -31.39 45.48
CA GLN A 126 5.66 -31.77 46.88
C GLN A 126 6.22 -30.69 47.81
N SER A 127 5.41 -30.29 48.78
CA SER A 127 5.75 -29.22 49.70
C SER A 127 5.57 -29.71 51.13
N PRO A 128 6.53 -29.40 52.02
CA PRO A 128 7.82 -28.79 51.76
C PRO A 128 8.91 -29.83 51.53
N ALA A 129 10.13 -29.35 51.24
CA ALA A 129 11.24 -30.27 51.04
C ALA A 129 11.70 -30.85 52.37
N ILE A 130 11.85 -30.01 53.40
CA ILE A 130 12.31 -30.43 54.72
C ILE A 130 11.32 -29.96 55.78
N LEU A 131 11.20 -30.76 56.84
CA LEU A 131 10.29 -30.49 57.96
C LEU A 131 11.03 -30.70 59.27
N SER A 132 11.03 -29.67 60.12
CA SER A 132 11.72 -29.73 61.41
C SER A 132 10.70 -29.42 62.50
N VAL A 133 10.20 -30.46 63.16
CA VAL A 133 9.29 -30.35 64.30
C VAL A 133 9.65 -31.47 65.26
N SER A 134 9.11 -31.39 66.50
CA SER A 134 9.41 -32.32 67.58
C SER A 134 8.49 -33.54 67.56
N PRO A 135 8.88 -34.63 68.23
CA PRO A 135 8.04 -35.82 68.26
C PRO A 135 6.79 -35.60 69.11
N GLY A 136 5.71 -36.25 68.70
CA GLY A 136 4.43 -36.14 69.37
C GLY A 136 3.48 -35.15 68.73
N GLU A 137 4.00 -34.22 67.94
CA GLU A 137 3.18 -33.25 67.25
C GLU A 137 2.40 -33.92 66.12
N ARG A 138 1.35 -33.26 65.68
CA ARG A 138 0.63 -33.60 64.45
C ARG A 138 1.09 -32.70 63.31
N VAL A 139 1.48 -33.30 62.19
CA VAL A 139 1.97 -32.56 61.04
C VAL A 139 1.25 -33.04 59.77
N SER A 140 1.31 -32.21 58.73
CA SER A 140 0.69 -32.53 57.45
C SER A 140 1.40 -31.76 56.34
N PHE A 141 1.88 -32.48 55.32
CA PHE A 141 2.53 -31.90 54.15
C PHE A 141 1.64 -32.05 52.91
N SER A 142 1.93 -31.23 51.90
CA SER A 142 1.11 -31.10 50.71
C SER A 142 1.80 -31.67 49.47
N CYS A 143 0.99 -32.26 48.58
CA CYS A 143 1.41 -32.74 47.27
C CYS A 143 0.38 -32.25 46.26
N ARG A 144 0.82 -31.41 45.31
CA ARG A 144 -0.07 -30.82 44.31
C ARG A 144 0.37 -31.25 42.92
N ALA A 145 -0.61 -31.71 42.13
CA ALA A 145 -0.40 -32.20 40.78
C ALA A 145 -0.49 -31.07 39.76
N SER A 146 0.12 -31.29 38.59
CA SER A 146 0.06 -30.29 37.53
C SER A 146 -1.30 -30.22 36.88
N GLN A 147 -2.14 -31.26 37.02
CA GLN A 147 -3.51 -31.22 36.52
C GLN A 147 -4.37 -32.11 37.40
N ILE A 148 -5.63 -32.25 37.00
CA ILE A 148 -6.59 -33.04 37.76
C ILE A 148 -6.21 -34.51 37.68
N ILE A 149 -6.18 -35.18 38.83
CA ILE A 149 -5.86 -36.61 38.88
C ILE A 149 -6.89 -37.34 39.72
N GLY A 150 -7.99 -36.67 40.05
CA GLY A 150 -9.01 -37.28 40.89
C GLY A 150 -8.51 -37.66 42.27
N THR A 151 -8.35 -38.96 42.52
CA THR A 151 -7.80 -39.46 43.77
C THR A 151 -6.69 -40.49 43.51
N SER A 152 -6.06 -40.43 42.34
CA SER A 152 -5.04 -41.40 41.95
C SER A 152 -3.67 -40.92 42.44
N ILE A 153 -3.39 -41.17 43.72
CA ILE A 153 -2.10 -40.83 44.29
C ILE A 153 -1.86 -41.72 45.51
N HIS A 154 -0.59 -42.05 45.75
CA HIS A 154 -0.20 -42.97 46.80
C HIS A 154 1.00 -42.42 47.55
N TRP A 155 1.04 -42.68 48.85
CA TRP A 155 2.07 -42.15 49.74
C TRP A 155 2.98 -43.26 50.23
N TYR A 156 4.29 -43.05 50.09
CA TYR A 156 5.29 -44.04 50.49
C TYR A 156 6.21 -43.47 51.55
N GLN A 157 6.63 -44.33 52.47
CA GLN A 157 7.63 -44.02 53.47
C GLN A 157 8.91 -44.80 53.19
N GLN A 158 10.05 -44.14 53.32
CA GLN A 158 11.34 -44.78 53.07
C GLN A 158 12.32 -44.40 54.18
N ARG A 159 12.58 -45.33 55.09
CA ARG A 159 13.64 -45.16 56.06
C ARG A 159 15.01 -45.25 55.36
N THR A 160 16.05 -44.83 56.07
CA THR A 160 17.39 -44.80 55.49
C THR A 160 17.86 -46.20 55.10
N ASN A 161 18.36 -46.32 53.86
CA ASN A 161 18.86 -47.56 53.26
C ASN A 161 17.80 -48.65 53.15
N GLY A 162 16.53 -48.28 53.26
CA GLY A 162 15.44 -49.23 53.14
C GLY A 162 14.66 -49.01 51.86
N SER A 163 13.84 -49.98 51.55
CA SER A 163 12.98 -49.85 50.39
C SER A 163 11.79 -48.97 50.75
N PRO A 164 11.20 -48.29 49.78
CA PRO A 164 9.98 -47.52 50.07
C PRO A 164 8.87 -48.44 50.55
N ARG A 165 8.06 -47.93 51.47
CA ARG A 165 6.96 -48.68 52.07
C ARG A 165 5.68 -47.88 51.88
N LEU A 166 4.69 -48.49 51.24
CA LEU A 166 3.44 -47.81 50.96
C LEU A 166 2.69 -47.53 52.27
N LEU A 167 2.34 -46.27 52.51
CA LEU A 167 1.57 -45.92 53.70
C LEU A 167 0.09 -45.72 53.40
N ILE A 168 -0.23 -45.04 52.31
CA ILE A 168 -1.61 -44.71 51.95
C ILE A 168 -1.79 -44.95 50.47
N LYS A 169 -2.87 -45.65 50.11
CA LYS A 169 -3.23 -45.87 48.72
C LYS A 169 -4.47 -45.07 48.40
N TYR A 170 -4.48 -44.46 47.20
CA TYR A 170 -5.58 -43.64 46.72
C TYR A 170 -5.91 -42.52 47.71
N ALA A 171 -4.88 -41.95 48.33
CA ALA A 171 -4.95 -40.69 49.06
C ALA A 171 -5.70 -40.77 50.39
N SER A 172 -6.45 -41.85 50.62
CA SER A 172 -7.18 -41.99 51.88
C SER A 172 -7.26 -43.40 52.43
N GLU A 173 -7.09 -44.44 51.62
CA GLU A 173 -7.35 -45.80 52.08
C GLU A 173 -6.14 -46.33 52.86
N SER A 174 -6.42 -46.95 54.00
CA SER A 174 -5.36 -47.44 54.88
C SER A 174 -4.75 -48.72 54.30
N ILE A 175 -3.65 -49.16 54.91
CA ILE A 175 -2.99 -50.41 54.55
C ILE A 175 -2.90 -51.27 55.81
N SER A 176 -3.26 -52.55 55.67
CA SER A 176 -3.27 -53.48 56.80
C SER A 176 -1.85 -53.79 57.27
N GLY A 177 -1.63 -53.63 58.57
CA GLY A 177 -0.33 -53.82 59.18
C GLY A 177 0.46 -52.55 59.40
N ILE A 178 -0.09 -51.39 59.03
CA ILE A 178 0.60 -50.12 59.15
C ILE A 178 -0.15 -49.25 60.16
N PRO A 179 0.56 -48.54 61.04
CA PRO A 179 -0.10 -47.82 62.15
C PRO A 179 -1.13 -46.79 61.71
N SER A 180 -2.00 -46.45 62.67
CA SER A 180 -3.15 -45.57 62.50
C SER A 180 -2.80 -44.08 62.51
N ARG A 181 -1.53 -43.73 62.63
CA ARG A 181 -1.18 -42.32 62.73
C ARG A 181 -1.32 -41.59 61.40
N PHE A 182 -1.28 -42.31 60.28
CA PHE A 182 -1.27 -41.70 58.95
C PHE A 182 -2.67 -41.63 58.37
N SER A 183 -2.98 -40.49 57.75
CA SER A 183 -4.25 -40.31 57.04
C SER A 183 -4.06 -39.26 55.97
N GLY A 184 -4.99 -39.25 55.00
CA GLY A 184 -4.91 -38.34 53.88
C GLY A 184 -6.26 -37.69 53.60
N SER A 185 -6.19 -36.62 52.81
CA SER A 185 -7.39 -35.89 52.39
C SER A 185 -7.20 -35.51 50.93
N GLY A 186 -7.93 -36.18 50.04
CA GLY A 186 -7.78 -35.89 48.64
C GLY A 186 -9.01 -35.35 47.95
N SER A 187 -8.82 -34.23 47.25
CA SER A 187 -9.88 -33.63 46.45
C SER A 187 -9.22 -32.97 45.26
N GLY A 188 -9.50 -33.45 44.06
CA GLY A 188 -8.93 -32.81 42.90
C GLY A 188 -7.42 -32.88 42.76
N THR A 189 -6.78 -31.74 42.97
CA THR A 189 -5.35 -31.55 42.76
C THR A 189 -4.52 -31.53 44.04
N ASP A 190 -5.06 -30.98 45.12
CA ASP A 190 -4.30 -30.78 46.36
C ASP A 190 -4.57 -31.91 47.32
N PHE A 191 -3.51 -32.59 47.75
CA PHE A 191 -3.58 -33.69 48.69
C PHE A 191 -2.70 -33.39 49.89
N THR A 192 -3.16 -33.79 51.08
CA THR A 192 -2.45 -33.55 52.32
C THR A 192 -2.35 -34.87 53.07
N LEU A 193 -1.13 -35.25 53.43
CA LEU A 193 -0.89 -36.42 54.27
C LEU A 193 -0.62 -35.96 55.69
N THR A 194 -1.45 -36.40 56.63
CA THR A 194 -1.37 -35.97 58.01
C THR A 194 -0.99 -37.16 58.88
N ILE A 195 0.01 -36.99 59.73
CA ILE A 195 0.38 -37.99 60.73
C ILE A 195 0.20 -37.34 62.10
N ASN A 196 -0.70 -37.88 62.90
CA ASN A 196 -0.88 -37.45 64.28
C ASN A 196 0.00 -38.28 65.20
N SER A 197 0.50 -37.67 66.27
CA SER A 197 1.37 -38.34 67.23
C SER A 197 2.65 -38.87 66.55
N VAL A 198 3.46 -37.91 66.11
CA VAL A 198 4.74 -38.24 65.52
C VAL A 198 5.61 -39.00 66.51
N GLU A 199 6.23 -40.10 66.04
CA GLU A 199 7.03 -40.95 66.91
C GLU A 199 8.48 -41.03 66.37
N SER A 200 9.28 -41.89 66.99
CA SER A 200 10.70 -41.94 66.67
C SER A 200 10.97 -42.57 65.30
N ASP A 201 10.31 -43.68 65.00
CA ASP A 201 10.52 -44.34 63.72
C ASP A 201 9.81 -43.66 62.55
N ASP A 202 9.22 -42.48 62.75
CA ASP A 202 8.48 -41.79 61.71
C ASP A 202 9.26 -40.67 61.04
N ILE A 203 10.53 -40.48 61.39
CA ILE A 203 11.38 -39.49 60.74
C ILE A 203 12.06 -40.15 59.55
N ALA A 204 11.65 -39.77 58.34
CA ALA A 204 12.14 -40.40 57.12
C ALA A 204 11.72 -39.53 55.93
N ASP A 205 11.94 -40.04 54.73
CA ASP A 205 11.51 -39.35 53.52
C ASP A 205 10.14 -39.87 53.08
N TYR A 206 9.29 -38.94 52.67
CA TYR A 206 7.92 -39.24 52.28
C TYR A 206 7.71 -38.78 50.85
N TYR A 207 7.28 -39.69 49.98
CA TYR A 207 7.07 -39.40 48.57
C TYR A 207 5.62 -39.65 48.21
N CYS A 208 5.10 -38.79 47.32
CA CYS A 208 3.79 -39.00 46.73
C CYS A 208 3.97 -39.41 45.28
N GLN A 209 3.13 -40.33 44.82
CA GLN A 209 3.22 -40.89 43.48
C GLN A 209 1.84 -40.94 42.86
N GLN A 210 1.72 -40.41 41.64
CA GLN A 210 0.46 -40.43 40.94
C GLN A 210 0.37 -41.64 40.02
N SER A 211 -0.84 -42.15 39.84
CA SER A 211 -1.10 -43.28 38.95
C SER A 211 -2.27 -42.98 38.03
N ASN A 212 -2.47 -41.72 37.68
CA ASN A 212 -3.56 -41.33 36.80
C ASN A 212 -3.17 -41.39 35.33
N SER A 213 -1.95 -41.00 34.98
CA SER A 213 -1.51 -40.95 33.60
C SER A 213 -0.15 -41.62 33.45
N TRP A 214 0.18 -41.98 32.21
CA TRP A 214 1.45 -42.60 31.87
C TRP A 214 2.38 -41.50 31.38
N PRO A 215 3.64 -41.52 31.83
CA PRO A 215 4.24 -42.51 32.73
C PRO A 215 4.02 -42.20 34.20
N VAL A 216 4.47 -43.09 35.06
CA VAL A 216 4.34 -42.90 36.50
C VAL A 216 5.41 -41.92 36.98
N THR A 217 5.00 -41.00 37.86
CA THR A 217 5.88 -39.99 38.41
C THR A 217 5.67 -39.87 39.92
N PHE A 218 6.70 -39.39 40.59
CA PHE A 218 6.72 -39.23 42.04
C PHE A 218 6.89 -37.75 42.39
N GLY A 219 6.72 -37.45 43.68
CA GLY A 219 7.03 -36.12 44.17
C GLY A 219 8.49 -35.98 44.55
N ALA A 220 8.88 -34.72 44.80
CA ALA A 220 10.27 -34.43 45.15
C ALA A 220 10.66 -35.07 46.47
N GLY A 221 9.72 -35.16 47.40
CA GLY A 221 9.93 -35.78 48.69
C GLY A 221 9.82 -34.78 49.83
N THR A 222 9.45 -35.27 51.01
CA THR A 222 9.36 -34.47 52.22
C THR A 222 10.14 -35.19 53.32
N LYS A 223 11.12 -34.50 53.88
CA LYS A 223 12.01 -35.08 54.90
C LYS A 223 11.66 -34.52 56.27
N LEU A 224 11.82 -35.36 57.29
CA LEU A 224 11.58 -34.95 58.67
C LEU A 224 12.90 -34.82 59.44
N LYS B 5 2.22 -39.33 19.37
CA LYS B 5 1.27 -38.64 18.50
C LYS B 5 0.20 -39.61 17.97
N PHE B 6 0.62 -40.56 17.14
CA PHE B 6 -0.30 -41.57 16.61
C PHE B 6 -0.26 -42.80 17.51
N PRO B 7 -1.34 -43.15 18.21
CA PRO B 7 -1.26 -44.19 19.22
C PRO B 7 -1.08 -45.58 18.63
N ILE B 8 -0.56 -46.48 19.46
CA ILE B 8 -0.50 -47.90 19.11
C ILE B 8 -1.82 -48.59 19.41
N TYR B 9 -2.67 -47.99 20.24
CA TYR B 9 -3.97 -48.53 20.57
C TYR B 9 -4.78 -47.44 21.26
N THR B 10 -6.10 -47.61 21.26
CA THR B 10 -7.00 -46.67 21.91
C THR B 10 -7.94 -47.44 22.83
N ILE B 11 -7.92 -47.11 24.12
CA ILE B 11 -8.84 -47.72 25.07
C ILE B 11 -9.73 -46.61 25.64
N PRO B 12 -11.01 -46.86 25.89
CA PRO B 12 -11.89 -45.80 26.40
C PRO B 12 -11.66 -45.57 27.89
N ASP B 13 -11.36 -44.32 28.26
CA ASP B 13 -11.27 -43.99 29.67
C ASP B 13 -12.64 -43.69 30.29
N GLU B 14 -13.66 -43.45 29.47
CA GLU B 14 -15.03 -43.24 29.91
C GLU B 14 -15.95 -44.16 29.11
N LEU B 15 -16.91 -44.78 29.80
CA LEU B 15 -17.73 -45.80 29.19
C LEU B 15 -19.11 -45.79 29.82
N GLY B 16 -20.15 -45.85 28.98
CA GLY B 16 -21.52 -45.82 29.43
C GLY B 16 -22.11 -47.21 29.61
N PRO B 17 -23.43 -47.29 29.70
CA PRO B 17 -24.09 -48.58 29.88
C PRO B 17 -24.27 -49.34 28.57
N TRP B 18 -24.17 -50.66 28.67
CA TRP B 18 -24.34 -51.53 27.52
C TRP B 18 -25.81 -51.62 27.12
N SER B 19 -26.12 -51.19 25.91
CA SER B 19 -27.48 -51.26 25.40
C SER B 19 -27.54 -52.27 24.26
N PRO B 20 -28.56 -53.14 24.23
CA PRO B 20 -28.67 -54.09 23.12
C PRO B 20 -29.03 -53.37 21.83
N ILE B 21 -28.27 -53.68 20.77
CA ILE B 21 -28.47 -53.02 19.48
C ILE B 21 -28.73 -54.06 18.40
N ASP B 22 -29.38 -53.61 17.34
CA ASP B 22 -29.53 -54.39 16.14
C ASP B 22 -28.36 -54.13 15.21
N ILE B 23 -28.00 -55.15 14.42
CA ILE B 23 -26.83 -55.04 13.55
C ILE B 23 -26.99 -53.90 12.56
N HIS B 24 -28.21 -53.62 12.12
CA HIS B 24 -28.45 -52.51 11.21
C HIS B 24 -27.97 -51.18 11.78
N HIS B 25 -27.84 -51.07 13.09
CA HIS B 25 -27.41 -49.84 13.75
C HIS B 25 -25.92 -49.85 14.06
N LEU B 26 -25.13 -50.65 13.35
CA LEU B 26 -23.68 -50.61 13.44
C LEU B 26 -23.11 -49.68 12.39
N SER B 27 -21.97 -49.08 12.71
CA SER B 27 -21.33 -48.13 11.80
C SER B 27 -19.82 -48.14 12.05
N CYS B 28 -19.07 -47.87 10.99
CA CYS B 28 -17.62 -47.79 11.13
C CYS B 28 -17.24 -46.43 11.71
N PRO B 29 -16.33 -46.38 12.68
CA PRO B 29 -16.08 -45.13 13.40
C PRO B 29 -15.41 -44.07 12.56
N ASN B 30 -15.65 -42.82 12.95
CA ASN B 30 -15.01 -41.66 12.33
C ASN B 30 -13.64 -41.45 12.98
N ASN B 31 -12.58 -41.56 12.18
CA ASN B 31 -11.22 -41.40 12.67
C ASN B 31 -10.57 -40.14 12.14
N LEU B 32 -11.37 -39.17 11.70
CA LEU B 32 -10.87 -37.92 11.14
C LEU B 32 -10.86 -36.79 12.16
N VAL B 33 -12.03 -36.45 12.71
CA VAL B 33 -12.12 -35.36 13.68
C VAL B 33 -11.55 -35.82 15.01
N VAL B 34 -10.61 -35.04 15.54
CA VAL B 34 -9.87 -35.38 16.75
C VAL B 34 -10.35 -34.47 17.86
N GLU B 35 -11.23 -34.99 18.72
CA GLU B 35 -11.59 -34.36 19.99
C GLU B 35 -12.20 -32.97 19.83
N ASP B 36 -12.83 -32.70 18.69
CA ASP B 36 -13.61 -31.48 18.50
C ASP B 36 -15.06 -31.89 18.27
N GLU B 37 -15.71 -32.34 19.34
CA GLU B 37 -17.02 -32.97 19.24
C GLU B 37 -18.08 -32.00 18.76
N GLY B 38 -19.00 -32.51 17.94
CA GLY B 38 -20.06 -31.70 17.37
C GLY B 38 -19.71 -31.01 16.08
N CYS B 39 -18.43 -30.71 15.85
CA CYS B 39 -17.98 -30.09 14.59
C CYS B 39 -17.83 -31.18 13.54
N THR B 40 -18.86 -31.31 12.70
CA THR B 40 -18.95 -32.41 11.74
C THR B 40 -19.38 -31.97 10.34
N ASN B 41 -19.80 -30.72 10.14
CA ASN B 41 -20.14 -30.24 8.80
C ASN B 41 -18.86 -29.91 8.04
N LEU B 42 -18.60 -30.66 6.97
CA LEU B 42 -17.41 -30.46 6.14
C LEU B 42 -17.79 -29.68 4.89
N SER B 43 -17.00 -28.66 4.59
CA SER B 43 -17.20 -27.83 3.41
C SER B 43 -15.85 -27.65 2.72
N GLU B 44 -15.75 -28.13 1.49
CA GLU B 44 -14.51 -28.04 0.73
C GLU B 44 -14.20 -26.57 0.42
N PHE B 45 -12.98 -26.15 0.75
CA PHE B 45 -12.61 -24.74 0.65
C PHE B 45 -11.14 -24.65 0.30
N SER B 46 -10.62 -23.41 0.26
CA SER B 46 -9.22 -23.16 0.03
C SER B 46 -8.64 -22.39 1.21
N TYR B 47 -7.34 -22.59 1.44
CA TYR B 47 -6.65 -21.91 2.52
C TYR B 47 -5.19 -21.74 2.14
N MET B 48 -4.54 -20.78 2.80
CA MET B 48 -3.15 -20.45 2.50
C MET B 48 -2.23 -21.10 3.53
N GLU B 49 -1.01 -21.38 3.09
CA GLU B 49 0.00 -22.06 3.89
C GLU B 49 1.36 -21.50 3.54
N LEU B 50 2.34 -21.77 4.40
CA LEU B 50 3.72 -21.57 4.03
C LEU B 50 4.07 -22.50 2.87
N LYS B 51 4.85 -21.99 1.92
CA LYS B 51 5.31 -22.83 0.81
C LYS B 51 6.14 -23.99 1.36
N VAL B 52 6.09 -25.11 0.64
CA VAL B 52 6.82 -26.28 1.09
C VAL B 52 8.32 -26.06 0.91
N GLY B 53 9.08 -26.39 1.95
CA GLY B 53 10.53 -26.37 1.89
C GLY B 53 11.12 -25.37 2.85
N TYR B 54 12.45 -25.25 2.75
CA TYR B 54 13.20 -24.33 3.59
C TYR B 54 13.10 -22.93 3.02
N ILE B 55 12.96 -21.94 3.89
CA ILE B 55 12.85 -20.54 3.50
C ILE B 55 14.11 -19.84 3.95
N SER B 56 14.97 -19.47 3.00
CA SER B 56 16.20 -18.76 3.32
C SER B 56 15.87 -17.31 3.70
N ALA B 57 16.93 -16.57 4.04
CA ALA B 57 16.77 -15.15 4.38
C ALA B 57 16.18 -14.41 3.19
N ILE B 58 14.99 -13.85 3.40
CA ILE B 58 14.31 -13.10 2.34
C ILE B 58 15.08 -11.80 2.12
N LYS B 59 15.75 -11.69 0.98
CA LYS B 59 16.55 -10.51 0.67
C LYS B 59 15.76 -9.59 -0.25
N VAL B 60 15.72 -8.31 0.10
CA VAL B 60 15.29 -7.26 -0.82
C VAL B 60 16.44 -6.26 -0.92
N ASN B 61 16.70 -5.79 -2.14
CA ASN B 61 17.80 -4.88 -2.39
C ASN B 61 17.27 -3.47 -2.59
N GLY B 62 18.11 -2.50 -2.23
CA GLY B 62 17.73 -1.11 -2.37
C GLY B 62 18.88 -0.30 -2.90
N PHE B 63 19.02 0.94 -2.42
CA PHE B 63 20.13 1.80 -2.80
C PHE B 63 20.23 2.93 -1.80
N THR B 64 21.48 3.34 -1.51
CA THR B 64 21.75 4.45 -0.60
C THR B 64 21.91 5.71 -1.42
N CYS B 65 21.11 6.73 -1.09
CA CYS B 65 21.08 7.99 -1.83
C CYS B 65 21.65 9.08 -0.93
N THR B 66 22.84 9.56 -1.27
CA THR B 66 23.50 10.63 -0.54
C THR B 66 23.58 11.88 -1.40
N GLY B 67 23.48 13.04 -0.74
CA GLY B 67 23.47 14.31 -1.45
C GLY B 67 24.64 15.22 -1.14
N VAL B 68 25.36 15.67 -2.17
CA VAL B 68 26.49 16.55 -2.01
C VAL B 68 26.29 17.80 -2.87
N VAL B 69 27.02 18.85 -2.50
CA VAL B 69 27.08 20.09 -3.27
C VAL B 69 28.54 20.36 -3.59
N THR B 70 28.85 20.48 -4.89
CA THR B 70 30.21 20.68 -5.36
C THR B 70 30.35 22.09 -5.93
N GLU B 71 31.23 22.89 -5.34
CA GLU B 71 31.52 24.25 -5.80
C GLU B 71 32.90 24.26 -6.44
N ALA B 72 32.96 24.68 -7.70
CA ALA B 72 34.20 24.82 -8.44
C ALA B 72 34.41 26.29 -8.79
N GLU B 73 35.57 26.83 -8.41
CA GLU B 73 35.88 28.23 -8.68
C GLU B 73 37.23 28.33 -9.38
N THR B 74 37.39 29.41 -10.14
CA THR B 74 38.60 29.65 -10.91
C THR B 74 39.81 29.89 -10.02
N THR B 82 39.73 25.30 -10.37
CA THR B 82 40.21 23.94 -10.16
C THR B 82 40.19 23.61 -8.67
N THR B 83 39.69 24.54 -7.86
CA THR B 83 39.51 24.31 -6.43
C THR B 83 38.07 23.86 -6.17
N PHE B 84 37.92 22.75 -5.45
CA PHE B 84 36.63 22.13 -5.25
C PHE B 84 36.25 22.16 -3.78
N LYS B 85 35.13 22.80 -3.47
CA LYS B 85 34.50 22.72 -2.15
C LYS B 85 33.38 21.70 -2.20
N ARG B 86 33.28 20.87 -1.16
CA ARG B 86 32.29 19.80 -1.13
C ARG B 86 31.54 19.83 0.20
N LYS B 87 30.22 19.99 0.12
CA LYS B 87 29.31 20.07 1.26
C LYS B 87 28.28 18.96 1.15
N HIS B 88 27.60 18.67 2.27
CA HIS B 88 26.59 17.63 2.32
C HIS B 88 25.21 18.20 2.64
N PHE B 89 24.18 17.52 2.15
CA PHE B 89 22.79 17.87 2.43
C PHE B 89 21.95 16.59 2.36
N ARG B 90 20.88 16.56 3.13
CA ARG B 90 20.07 15.35 3.19
C ARG B 90 19.05 15.36 2.05
N PRO B 91 18.94 14.27 1.29
CA PRO B 91 18.15 14.30 0.06
C PRO B 91 16.66 14.05 0.27
N THR B 92 15.94 13.95 -0.85
CA THR B 92 14.50 13.77 -0.96
C THR B 92 14.20 12.44 -1.64
N PRO B 93 13.18 11.70 -1.15
CA PRO B 93 12.88 10.37 -1.72
C PRO B 93 12.66 10.35 -3.23
N ASP B 94 11.66 11.09 -3.73
CA ASP B 94 11.31 11.01 -5.14
C ASP B 94 12.48 11.45 -6.03
N ALA B 95 13.18 12.51 -5.64
CA ALA B 95 14.38 12.91 -6.37
C ALA B 95 15.40 11.79 -6.38
N CYS B 96 15.57 11.10 -5.26
CA CYS B 96 16.51 9.98 -5.20
C CYS B 96 16.11 8.87 -6.15
N ARG B 97 14.81 8.56 -6.24
CA ARG B 97 14.39 7.51 -7.16
C ARG B 97 14.51 7.96 -8.61
N ALA B 98 14.36 9.26 -8.88
CA ALA B 98 14.58 9.75 -10.23
C ALA B 98 16.04 9.63 -10.62
N ALA B 99 16.95 9.97 -9.71
CA ALA B 99 18.37 9.72 -9.94
C ALA B 99 18.64 8.23 -10.10
N TYR B 100 17.95 7.39 -9.34
CA TYR B 100 18.12 5.95 -9.46
C TYR B 100 17.75 5.47 -10.86
N ASN B 101 16.59 5.91 -11.35
CA ASN B 101 16.20 5.56 -12.72
C ASN B 101 17.22 6.09 -13.72
N TRP B 102 17.81 7.27 -13.44
CA TRP B 102 18.87 7.79 -14.28
C TRP B 102 20.05 6.82 -14.36
N LYS B 103 20.59 6.42 -13.20
CA LYS B 103 21.78 5.58 -13.18
C LYS B 103 21.50 4.19 -13.71
N MET B 104 20.28 3.67 -13.53
CA MET B 104 19.97 2.33 -13.97
C MET B 104 19.71 2.26 -15.47
N ALA B 105 18.91 3.19 -16.00
CA ALA B 105 18.65 3.19 -17.44
C ALA B 105 19.84 3.63 -18.27
N GLY B 106 20.92 4.09 -17.63
CA GLY B 106 22.08 4.57 -18.35
C GLY B 106 21.95 5.98 -18.87
N ASP B 107 21.13 6.82 -18.24
CA ASP B 107 20.98 8.20 -18.67
C ASP B 107 22.29 8.95 -18.47
N PRO B 108 22.83 9.61 -19.51
CA PRO B 108 24.08 10.35 -19.34
C PRO B 108 23.94 11.62 -18.51
N ARG B 109 22.76 11.86 -17.96
CA ARG B 109 22.52 13.04 -17.15
C ARG B 109 22.84 12.83 -15.68
N TYR B 110 23.27 11.63 -15.32
CA TYR B 110 23.60 11.35 -13.93
C TYR B 110 25.06 11.53 -13.57
N GLU B 111 25.95 11.49 -14.55
CA GLU B 111 27.36 11.60 -14.23
C GLU B 111 27.60 12.88 -13.49
N GLU B 112 26.96 13.94 -13.93
CA GLU B 112 27.13 15.18 -13.22
C GLU B 112 25.76 15.68 -12.87
N ARG B 124 33.42 29.63 -10.34
CA ARG B 124 32.41 30.18 -9.45
C ARG B 124 31.06 29.53 -9.66
N THR B 125 31.05 28.27 -10.08
CA THR B 125 29.84 27.53 -10.39
C THR B 125 29.62 26.41 -9.37
N THR B 126 28.39 26.28 -8.90
CA THR B 126 28.03 25.27 -7.91
C THR B 126 26.98 24.32 -8.49
N LYS B 127 27.04 23.06 -8.06
CA LYS B 127 26.12 22.05 -8.55
C LYS B 127 25.71 21.12 -7.42
N GLU B 128 24.44 20.73 -7.42
CA GLU B 128 23.91 19.75 -6.47
C GLU B 128 23.88 18.40 -7.15
N SER B 129 24.53 17.42 -6.54
CA SER B 129 24.57 16.06 -7.07
C SER B 129 23.92 15.11 -6.07
N LEU B 130 23.34 14.03 -6.58
CA LEU B 130 22.76 12.97 -5.75
C LEU B 130 23.42 11.65 -6.14
N ILE B 131 24.24 11.10 -5.25
CA ILE B 131 24.94 9.85 -5.52
C ILE B 131 24.10 8.69 -4.99
N ILE B 132 24.09 7.59 -5.74
CA ILE B 132 23.25 6.46 -5.38
C ILE B 132 24.05 5.16 -5.49
N ILE B 133 24.54 4.66 -4.35
CA ILE B 133 25.26 3.40 -4.32
C ILE B 133 24.23 2.27 -4.37
N SER B 134 24.29 1.48 -5.44
CA SER B 134 23.18 0.57 -5.74
C SER B 134 23.17 -0.66 -4.83
N PRO B 135 24.16 -1.58 -4.92
CA PRO B 135 23.97 -2.88 -4.25
C PRO B 135 23.98 -2.79 -2.73
N SER B 136 22.89 -2.28 -2.15
CA SER B 136 22.71 -2.20 -0.70
C SER B 136 21.57 -3.16 -0.34
N VAL B 137 21.94 -4.40 0.00
CA VAL B 137 20.96 -5.45 0.25
C VAL B 137 20.51 -5.38 1.71
N THR B 138 19.25 -5.75 1.94
CA THR B 138 18.68 -5.81 3.28
C THR B 138 17.90 -7.11 3.44
N ASP B 139 17.82 -7.59 4.68
CA ASP B 139 17.07 -8.79 5.02
C ASP B 139 15.73 -8.39 5.62
N LEU B 140 14.66 -8.98 5.10
CA LEU B 140 13.30 -8.62 5.46
C LEU B 140 12.71 -9.62 6.45
N ASP B 141 12.24 -9.12 7.59
CA ASP B 141 11.53 -9.95 8.56
C ASP B 141 10.15 -10.31 8.02
N PRO B 142 9.76 -11.58 8.03
CA PRO B 142 8.40 -11.93 7.56
C PRO B 142 7.30 -11.67 8.58
N TYR B 143 7.61 -11.60 9.87
CA TYR B 143 6.56 -11.38 10.87
C TYR B 143 6.01 -9.96 10.78
N ASP B 144 6.86 -8.97 11.07
CA ASP B 144 6.62 -7.59 10.67
C ASP B 144 7.53 -7.27 9.51
N LYS B 145 7.03 -6.47 8.56
CA LYS B 145 7.78 -6.24 7.33
C LYS B 145 8.97 -5.30 7.54
N SER B 146 9.57 -5.35 8.73
CA SER B 146 10.76 -4.56 9.01
C SER B 146 11.94 -5.06 8.17
N LEU B 147 12.91 -4.18 7.97
CA LEU B 147 14.10 -4.46 7.19
C LEU B 147 15.35 -4.34 8.06
N HIS B 148 16.34 -5.19 7.80
CA HIS B 148 17.51 -5.31 8.67
C HIS B 148 18.79 -5.17 7.85
N SER B 149 19.60 -4.17 8.20
CA SER B 149 20.93 -3.99 7.67
C SER B 149 21.70 -3.10 8.63
N ARG B 150 23.03 -3.23 8.60
CA ARG B 150 23.87 -2.34 9.40
C ARG B 150 23.65 -0.86 9.03
N VAL B 151 23.01 -0.60 7.89
CA VAL B 151 22.90 0.78 7.38
C VAL B 151 21.82 1.58 8.11
N PHE B 152 20.90 0.93 8.82
CA PHE B 152 19.85 1.61 9.54
C PHE B 152 20.29 1.91 10.97
N PRO B 153 19.69 2.91 11.63
CA PRO B 153 20.00 3.15 13.04
C PRO B 153 19.53 1.97 13.89
N GLY B 154 20.46 1.38 14.64
CA GLY B 154 20.16 0.17 15.36
C GLY B 154 20.07 -1.08 14.51
N GLY B 155 20.40 -0.99 13.23
CA GLY B 155 20.36 -2.15 12.36
C GLY B 155 18.99 -2.54 11.87
N LYS B 156 17.96 -1.72 12.10
CA LYS B 156 16.60 -2.10 11.78
C LYS B 156 15.78 -0.86 11.43
N CYS B 157 15.02 -0.97 10.34
CA CYS B 157 14.06 0.04 9.93
C CYS B 157 12.65 -0.49 10.14
N SER B 158 11.72 0.43 10.41
CA SER B 158 10.34 0.01 10.70
C SER B 158 9.73 -0.72 9.52
N GLY B 159 10.11 -0.37 8.29
CA GLY B 159 9.54 -0.94 7.10
C GLY B 159 9.17 0.13 6.09
N ILE B 160 8.87 -0.33 4.88
CA ILE B 160 8.52 0.55 3.78
C ILE B 160 7.00 0.52 3.65
N THR B 161 6.33 1.40 4.39
CA THR B 161 4.90 1.63 4.20
C THR B 161 4.71 2.59 3.03
N VAL B 162 3.50 3.08 2.83
CA VAL B 162 3.27 4.05 1.77
C VAL B 162 3.42 5.49 2.27
N SER B 163 3.32 5.71 3.58
CA SER B 163 3.65 7.02 4.14
C SER B 163 5.15 7.23 4.14
N SER B 164 5.90 6.22 4.55
CA SER B 164 7.36 6.28 4.59
C SER B 164 7.89 5.41 3.45
N THR B 165 8.25 6.05 2.34
CA THR B 165 8.82 5.38 1.18
C THR B 165 10.34 5.25 1.26
N TYR B 166 10.92 5.48 2.42
CA TYR B 166 12.37 5.48 2.58
C TYR B 166 12.70 5.20 4.04
N CYS B 167 13.93 4.76 4.26
CA CYS B 167 14.44 4.54 5.61
C CYS B 167 15.63 5.47 5.85
N SER B 168 15.94 5.68 7.13
CA SER B 168 17.07 6.50 7.51
C SER B 168 18.32 5.65 7.69
N THR B 169 19.48 6.29 7.60
CA THR B 169 20.75 5.64 7.87
C THR B 169 21.40 6.28 9.10
N ASN B 170 22.49 5.66 9.56
CA ASN B 170 23.19 6.19 10.72
C ASN B 170 23.93 7.48 10.41
N HIS B 171 24.20 7.77 9.12
CA HIS B 171 24.80 9.04 8.75
C HIS B 171 23.83 10.21 8.91
N ASP B 172 22.53 9.92 8.96
CA ASP B 172 21.43 10.89 9.03
C ASP B 172 21.60 12.07 8.08
N TYR B 173 22.34 11.87 6.98
CA TYR B 173 22.28 12.76 5.84
C TYR B 173 22.18 11.97 4.53
N THR B 174 21.97 10.65 4.62
CA THR B 174 21.87 9.76 3.48
C THR B 174 20.76 8.77 3.76
N ILE B 175 19.81 8.65 2.84
CA ILE B 175 18.65 7.80 3.04
C ILE B 175 18.84 6.49 2.29
N TRP B 176 18.03 5.51 2.66
CA TRP B 176 17.97 4.22 1.98
C TRP B 176 16.58 4.04 1.40
N MET B 177 16.51 3.65 0.13
CA MET B 177 15.26 3.39 -0.54
C MET B 177 15.36 2.05 -1.27
N PRO B 178 14.27 1.30 -1.32
CA PRO B 178 14.29 0.04 -2.08
C PRO B 178 14.17 0.30 -3.57
N GLU B 179 14.82 -0.56 -4.34
CA GLU B 179 14.62 -0.56 -5.80
C GLU B 179 13.43 -1.46 -6.14
N ASN B 180 12.28 -1.09 -5.59
CA ASN B 180 11.13 -1.99 -5.58
C ASN B 180 10.60 -2.21 -6.99
N PRO B 181 10.44 -3.47 -7.42
CA PRO B 181 9.82 -3.79 -8.70
C PRO B 181 8.30 -3.78 -8.62
N THR B 185 8.02 -9.13 -5.40
CA THR B 185 8.02 -10.59 -5.40
C THR B 185 8.40 -11.19 -4.02
N PRO B 186 9.45 -10.64 -3.33
CA PRO B 186 9.72 -11.10 -1.96
C PRO B 186 8.48 -11.10 -1.06
N CYS B 187 8.50 -11.94 -0.03
CA CYS B 187 7.30 -12.45 0.63
C CYS B 187 6.50 -13.37 -0.30
N ASP B 188 7.22 -14.03 -1.21
CA ASP B 188 6.68 -15.17 -1.97
C ASP B 188 7.01 -16.46 -1.22
N ILE B 189 6.47 -16.56 -0.01
CA ILE B 189 6.71 -17.67 0.89
C ILE B 189 5.43 -18.45 1.16
N PHE B 190 4.38 -18.24 0.38
CA PHE B 190 3.08 -18.84 0.61
C PHE B 190 2.71 -19.79 -0.52
N THR B 191 1.68 -20.60 -0.26
CA THR B 191 1.02 -21.40 -1.28
C THR B 191 -0.46 -21.43 -0.97
N ASN B 192 -1.24 -21.75 -1.99
CA ASN B 192 -2.68 -21.90 -1.84
C ASN B 192 -3.00 -23.39 -1.88
N SER B 193 -3.50 -23.91 -0.78
CA SER B 193 -3.85 -25.32 -0.67
C SER B 193 -5.36 -25.45 -0.59
N ARG B 194 -5.83 -26.67 -0.83
CA ARG B 194 -7.26 -26.96 -0.81
C ARG B 194 -7.53 -27.99 0.29
N GLY B 195 -8.55 -27.71 1.10
CA GLY B 195 -8.89 -28.59 2.21
C GLY B 195 -10.38 -28.60 2.48
N LYS B 196 -10.75 -28.99 3.70
CA LYS B 196 -12.15 -29.06 4.11
C LYS B 196 -12.31 -28.31 5.43
N ARG B 197 -13.24 -27.37 5.47
CA ARG B 197 -13.52 -26.64 6.69
C ARG B 197 -14.52 -27.42 7.54
N ALA B 198 -14.18 -27.65 8.80
CA ALA B 198 -15.05 -28.37 9.72
C ALA B 198 -15.77 -27.37 10.62
N SER B 199 -17.07 -27.54 10.78
CA SER B 199 -17.87 -26.60 11.55
C SER B 199 -19.14 -27.31 12.01
N ASN B 200 -19.93 -26.58 12.81
CA ASN B 200 -21.27 -27.05 13.15
C ASN B 200 -22.29 -25.91 13.19
N GLY B 201 -22.06 -24.85 12.43
CA GLY B 201 -22.90 -23.66 12.51
C GLY B 201 -22.13 -22.47 13.04
N ASN B 202 -21.78 -21.54 12.15
CA ASN B 202 -21.06 -20.31 12.46
C ASN B 202 -19.95 -20.47 13.49
N LYS B 203 -19.29 -21.63 13.51
CA LYS B 203 -18.11 -21.84 14.36
C LYS B 203 -17.26 -22.91 13.70
N THR B 204 -16.06 -22.53 13.26
CA THR B 204 -15.15 -23.44 12.58
C THR B 204 -14.16 -23.99 13.61
N CYS B 205 -14.27 -25.28 13.93
CA CYS B 205 -13.36 -25.85 14.92
C CYS B 205 -12.00 -26.15 14.31
N GLY B 206 -11.96 -26.51 13.04
CA GLY B 206 -10.72 -26.86 12.40
C GLY B 206 -10.93 -27.18 10.94
N PHE B 207 -9.98 -27.91 10.37
CA PHE B 207 -10.01 -28.16 8.94
C PHE B 207 -9.14 -29.37 8.62
N VAL B 208 -9.57 -30.12 7.61
CA VAL B 208 -8.73 -31.14 7.01
C VAL B 208 -7.82 -30.47 5.99
N ASP B 209 -6.52 -30.68 6.12
CA ASP B 209 -5.60 -30.00 5.22
C ASP B 209 -5.40 -30.82 3.96
N GLU B 210 -4.60 -30.27 3.04
CA GLU B 210 -4.45 -30.87 1.72
C GLU B 210 -3.90 -32.29 1.81
N ARG B 211 -3.10 -32.57 2.84
CA ARG B 211 -2.57 -33.91 3.04
C ARG B 211 -3.63 -34.89 3.52
N GLY B 212 -4.74 -34.40 4.04
CA GLY B 212 -5.81 -35.25 4.52
C GLY B 212 -5.90 -35.40 6.02
N LEU B 213 -5.15 -34.61 6.79
CA LEU B 213 -5.11 -34.73 8.25
C LEU B 213 -5.88 -33.58 8.88
N TYR B 214 -6.66 -33.88 9.92
CA TYR B 214 -7.45 -32.87 10.59
C TYR B 214 -6.57 -32.03 11.52
N LYS B 215 -6.63 -30.70 11.36
CA LYS B 215 -5.98 -29.76 12.25
C LYS B 215 -7.05 -28.96 12.97
N SER B 216 -6.85 -28.75 14.27
CA SER B 216 -7.85 -28.10 15.11
C SER B 216 -7.47 -26.65 15.36
N LEU B 217 -8.46 -25.75 15.22
CA LEU B 217 -8.25 -24.35 15.55
C LEU B 217 -8.35 -24.07 17.04
N LYS B 218 -8.77 -25.06 17.84
CA LYS B 218 -8.91 -24.89 19.28
C LYS B 218 -7.59 -24.42 19.89
N GLY B 219 -7.56 -23.20 20.41
CA GLY B 219 -6.39 -22.67 21.06
C GLY B 219 -5.45 -21.89 20.17
N ALA B 220 -5.81 -21.63 18.92
CA ALA B 220 -4.95 -20.89 18.03
C ALA B 220 -4.95 -19.40 18.40
N CYS B 221 -4.02 -18.66 17.80
CA CYS B 221 -3.93 -17.22 17.99
C CYS B 221 -3.65 -16.56 16.64
N ARG B 222 -4.01 -15.28 16.56
CA ARG B 222 -3.89 -14.55 15.29
C ARG B 222 -2.46 -14.14 15.05
N LEU B 223 -1.97 -14.43 13.85
CA LEU B 223 -0.61 -14.11 13.44
C LEU B 223 -0.66 -13.52 12.04
N LYS B 224 -0.05 -12.34 11.88
CA LYS B 224 0.02 -11.66 10.59
C LYS B 224 1.43 -11.87 10.03
N LEU B 225 1.52 -12.61 8.93
CA LEU B 225 2.79 -13.04 8.37
C LEU B 225 2.94 -12.44 6.97
N CYS B 226 4.00 -11.65 6.78
CA CYS B 226 4.24 -10.97 5.51
C CYS B 226 3.03 -10.16 5.05
N GLY B 227 2.36 -9.52 6.01
CA GLY B 227 1.18 -8.74 5.73
C GLY B 227 -0.10 -9.54 5.56
N VAL B 228 -0.04 -10.86 5.60
CA VAL B 228 -1.20 -11.71 5.39
C VAL B 228 -1.73 -12.16 6.75
N LEU B 229 -2.98 -11.79 7.03
CA LEU B 229 -3.63 -12.24 8.27
C LEU B 229 -3.81 -13.75 8.24
N GLY B 230 -3.47 -14.40 9.35
CA GLY B 230 -3.60 -15.83 9.47
C GLY B 230 -3.64 -16.24 10.93
N LEU B 231 -3.50 -17.54 11.15
CA LEU B 231 -3.56 -18.11 12.49
C LEU B 231 -2.36 -19.03 12.71
N ARG B 232 -1.91 -19.09 13.96
CA ARG B 232 -0.93 -20.09 14.38
C ARG B 232 -1.62 -21.11 15.26
N LEU B 233 -1.62 -22.38 14.83
CA LEU B 233 -2.28 -23.43 15.57
C LEU B 233 -1.47 -23.80 16.82
N MET B 234 -2.04 -24.68 17.64
CA MET B 234 -1.35 -25.15 18.83
C MET B 234 -0.04 -25.83 18.49
N ASP B 235 -0.03 -26.62 17.41
CA ASP B 235 1.18 -27.33 17.01
C ASP B 235 2.22 -26.43 16.35
N GLY B 236 1.93 -25.13 16.21
CA GLY B 236 2.88 -24.20 15.65
C GLY B 236 2.81 -24.01 14.14
N THR B 237 1.91 -24.71 13.45
CA THR B 237 1.74 -24.50 12.02
C THR B 237 0.90 -23.25 11.78
N TRP B 238 1.24 -22.52 10.72
CA TRP B 238 0.53 -21.30 10.35
C TRP B 238 -0.33 -21.57 9.12
N VAL B 239 -1.57 -21.08 9.16
CA VAL B 239 -2.47 -21.11 8.01
C VAL B 239 -3.16 -19.76 7.92
N ALA B 240 -3.77 -19.50 6.76
CA ALA B 240 -4.55 -18.30 6.54
C ALA B 240 -5.93 -18.69 6.05
N MET B 241 -6.93 -18.52 6.92
CA MET B 241 -8.31 -18.79 6.56
C MET B 241 -9.21 -17.82 7.32
N GLN B 242 -10.30 -17.42 6.68
CA GLN B 242 -11.26 -16.56 7.36
C GLN B 242 -12.00 -17.37 8.43
N THR B 243 -11.80 -17.00 9.70
CA THR B 243 -12.44 -17.66 10.83
C THR B 243 -13.61 -16.82 11.33
N SER B 244 -14.79 -17.42 11.42
CA SER B 244 -15.97 -16.73 11.96
C SER B 244 -15.95 -16.82 13.48
N ASP B 245 -15.01 -16.08 14.08
CA ASP B 245 -14.85 -16.02 15.52
C ASP B 245 -13.84 -14.94 15.85
N GLU B 246 -13.80 -14.55 17.13
CA GLU B 246 -12.87 -13.55 17.64
C GLU B 246 -11.78 -14.25 18.45
N THR B 247 -10.55 -14.17 17.94
CA THR B 247 -9.39 -14.78 18.55
C THR B 247 -8.37 -13.70 18.92
N LYS B 248 -7.65 -13.93 20.00
CA LYS B 248 -6.67 -12.95 20.42
C LYS B 248 -5.35 -13.14 19.69
N TRP B 249 -4.57 -12.08 19.62
CA TRP B 249 -3.34 -12.10 18.88
C TRP B 249 -2.26 -12.87 19.62
N CYS B 250 -1.37 -13.50 18.86
CA CYS B 250 -0.20 -14.12 19.44
C CYS B 250 0.70 -13.04 20.03
N PRO B 251 1.43 -13.35 21.10
CA PRO B 251 2.35 -12.38 21.68
C PRO B 251 3.46 -12.05 20.70
N PRO B 252 4.13 -10.91 20.88
CA PRO B 252 5.21 -10.54 19.94
C PRO B 252 6.33 -11.55 19.89
N ASP B 253 6.41 -12.47 20.86
CA ASP B 253 7.47 -13.46 20.97
C ASP B 253 7.21 -14.71 20.13
N GLN B 254 6.01 -14.88 19.61
CA GLN B 254 5.59 -16.16 19.03
C GLN B 254 6.25 -16.39 17.66
N LEU B 255 6.41 -17.66 17.32
CA LEU B 255 6.97 -18.06 16.04
C LEU B 255 6.15 -19.21 15.47
N VAL B 256 6.25 -19.37 14.16
CA VAL B 256 5.52 -20.42 13.45
C VAL B 256 6.53 -21.41 12.88
N ASN B 257 6.05 -22.60 12.59
CA ASN B 257 6.91 -23.67 12.10
C ASN B 257 6.97 -23.65 10.58
N LEU B 258 8.14 -23.98 10.06
CA LEU B 258 8.31 -24.13 8.61
C LEU B 258 7.45 -25.28 8.09
N HIS B 259 7.19 -25.25 6.80
CA HIS B 259 6.45 -26.32 6.13
C HIS B 259 7.44 -27.25 5.44
N ASP B 260 8.14 -28.03 6.26
CA ASP B 260 9.18 -28.91 5.76
C ASP B 260 8.58 -30.19 5.17
N PHE B 261 9.35 -30.80 4.27
CA PHE B 261 8.86 -32.00 3.59
C PHE B 261 8.57 -33.11 4.58
N ARG B 262 9.30 -33.17 5.69
CA ARG B 262 9.10 -34.23 6.66
C ARG B 262 7.73 -34.17 7.32
N SER B 263 7.18 -32.96 7.51
CA SER B 263 5.82 -32.85 8.03
C SER B 263 4.82 -33.45 7.05
N ASP B 264 5.01 -33.19 5.75
CA ASP B 264 4.15 -33.79 4.74
C ASP B 264 4.31 -35.31 4.72
N GLU B 265 5.55 -35.81 4.86
CA GLU B 265 5.75 -37.24 5.00
C GLU B 265 4.92 -37.80 6.15
N ILE B 266 5.06 -37.21 7.34
CA ILE B 266 4.34 -37.68 8.53
C ILE B 266 2.84 -37.73 8.25
N GLU B 267 2.29 -36.64 7.72
CA GLU B 267 0.85 -36.62 7.44
C GLU B 267 0.47 -37.68 6.41
N HIS B 268 1.33 -37.91 5.42
CA HIS B 268 1.03 -38.93 4.42
C HIS B 268 0.98 -40.32 5.05
N LEU B 269 1.91 -40.62 5.96
CA LEU B 269 1.91 -41.92 6.62
C LEU B 269 0.66 -42.11 7.47
N VAL B 270 0.31 -41.10 8.27
CA VAL B 270 -0.86 -41.21 9.14
C VAL B 270 -2.12 -41.40 8.30
N VAL B 271 -2.30 -40.53 7.29
CA VAL B 271 -3.51 -40.58 6.47
C VAL B 271 -3.58 -41.90 5.71
N GLU B 272 -2.45 -42.37 5.20
CA GLU B 272 -2.38 -43.68 4.54
C GLU B 272 -2.93 -44.76 5.47
N GLU B 273 -2.43 -44.79 6.72
CA GLU B 273 -2.89 -45.82 7.65
C GLU B 273 -4.38 -45.68 7.96
N LEU B 274 -4.85 -44.47 8.23
CA LEU B 274 -6.26 -44.28 8.59
C LEU B 274 -7.17 -44.67 7.44
N VAL B 275 -6.77 -44.38 6.21
CA VAL B 275 -7.56 -44.77 5.04
C VAL B 275 -7.58 -46.29 4.92
N LYS B 276 -6.41 -46.92 4.98
CA LYS B 276 -6.32 -48.38 4.90
C LYS B 276 -7.23 -49.04 5.93
N LYS B 277 -7.12 -48.63 7.20
CA LYS B 277 -7.91 -49.29 8.24
C LYS B 277 -9.39 -48.95 8.13
N ARG B 278 -9.73 -47.78 7.57
CA ARG B 278 -11.14 -47.48 7.36
C ARG B 278 -11.73 -48.37 6.27
N GLU B 279 -10.99 -48.62 5.19
CA GLU B 279 -11.48 -49.54 4.18
C GLU B 279 -11.60 -50.95 4.72
N GLU B 280 -10.61 -51.41 5.50
CA GLU B 280 -10.69 -52.73 6.12
C GLU B 280 -11.90 -52.83 7.05
N CYS B 281 -12.22 -51.74 7.74
CA CYS B 281 -13.38 -51.75 8.62
C CYS B 281 -14.68 -51.78 7.82
N LEU B 282 -14.71 -51.10 6.68
CA LEU B 282 -15.90 -51.14 5.82
C LEU B 282 -16.12 -52.54 5.28
N ASP B 283 -15.04 -53.20 4.83
CA ASP B 283 -15.16 -54.58 4.37
C ASP B 283 -15.69 -55.49 5.48
N ALA B 284 -15.26 -55.24 6.72
CA ALA B 284 -15.71 -56.05 7.84
C ALA B 284 -17.19 -55.81 8.14
N LEU B 285 -17.59 -54.54 8.20
CA LEU B 285 -18.99 -54.22 8.50
C LEU B 285 -19.92 -54.75 7.42
N GLU B 286 -19.50 -54.64 6.15
CA GLU B 286 -20.32 -55.19 5.07
C GLU B 286 -20.38 -56.71 5.15
N SER B 287 -19.26 -57.36 5.50
CA SER B 287 -19.26 -58.79 5.71
C SER B 287 -20.05 -59.22 6.94
N ILE B 288 -20.43 -58.27 7.79
CA ILE B 288 -21.35 -58.57 8.88
C ILE B 288 -22.80 -58.43 8.44
N MET B 289 -23.08 -57.42 7.60
CA MET B 289 -24.44 -57.23 7.10
C MET B 289 -24.90 -58.43 6.29
N THR B 290 -24.07 -58.89 5.35
CA THR B 290 -24.48 -59.95 4.45
C THR B 290 -24.56 -61.32 5.12
N THR B 291 -23.98 -61.47 6.31
CA THR B 291 -23.93 -62.77 6.96
C THR B 291 -24.60 -62.82 8.32
N LYS B 292 -24.70 -61.69 9.03
CA LYS B 292 -25.20 -61.65 10.42
C LYS B 292 -24.36 -62.55 11.32
N SER B 293 -23.06 -62.59 11.07
CA SER B 293 -22.10 -63.38 11.85
C SER B 293 -21.15 -62.40 12.52
N VAL B 294 -21.53 -61.94 13.72
CA VAL B 294 -20.78 -60.91 14.44
C VAL B 294 -19.75 -61.63 15.31
N SER B 295 -18.56 -61.86 14.75
CA SER B 295 -17.48 -62.47 15.50
C SER B 295 -16.74 -61.41 16.31
N PHE B 296 -15.67 -61.82 16.98
CA PHE B 296 -14.85 -60.87 17.72
C PHE B 296 -13.73 -60.28 16.87
N ARG B 297 -13.25 -61.03 15.88
CA ARG B 297 -12.22 -60.51 14.99
C ARG B 297 -12.73 -59.29 14.23
N ARG B 298 -13.93 -59.39 13.66
CA ARG B 298 -14.50 -58.25 12.93
C ARG B 298 -14.83 -57.10 13.86
N LEU B 299 -15.24 -57.40 15.10
CA LEU B 299 -15.66 -56.36 16.03
C LEU B 299 -14.51 -55.43 16.39
N SER B 300 -13.26 -55.89 16.28
CA SER B 300 -12.13 -55.04 16.59
C SER B 300 -11.94 -53.96 15.53
N HIS B 301 -12.39 -54.20 14.31
CA HIS B 301 -12.29 -53.21 13.24
C HIS B 301 -13.21 -52.02 13.47
N LEU B 302 -14.18 -52.14 14.36
CA LEU B 302 -15.08 -51.04 14.68
C LEU B 302 -14.54 -50.13 15.78
N ARG B 303 -13.35 -50.42 16.30
CA ARG B 303 -12.76 -49.59 17.34
C ARG B 303 -12.33 -48.25 16.76
N LYS B 304 -12.44 -47.21 17.58
CA LYS B 304 -12.04 -45.88 17.17
C LYS B 304 -10.53 -45.72 17.35
N LEU B 305 -9.84 -45.42 16.25
CA LEU B 305 -8.38 -45.39 16.20
C LEU B 305 -7.79 -44.07 16.66
N VAL B 306 -8.60 -43.12 17.10
CA VAL B 306 -8.14 -41.76 17.40
C VAL B 306 -8.75 -41.33 18.73
N PRO B 307 -8.01 -40.61 19.57
CA PRO B 307 -8.60 -40.10 20.81
C PRO B 307 -9.83 -39.27 20.53
N GLY B 308 -10.89 -39.51 21.30
CA GLY B 308 -12.14 -38.81 21.12
C GLY B 308 -13.33 -39.66 21.49
N PHE B 309 -14.53 -39.13 21.31
CA PHE B 309 -15.75 -39.85 21.66
C PHE B 309 -16.13 -40.81 20.54
N GLY B 310 -16.60 -41.98 20.93
CA GLY B 310 -16.96 -42.99 19.96
C GLY B 310 -17.82 -44.05 20.60
N LYS B 311 -17.81 -45.24 19.98
CA LYS B 311 -18.63 -46.35 20.44
C LYS B 311 -17.74 -47.54 20.75
N ALA B 312 -18.23 -48.39 21.66
CA ALA B 312 -17.62 -49.67 21.96
C ALA B 312 -18.66 -50.76 21.82
N TYR B 313 -18.22 -51.96 21.43
CA TYR B 313 -19.14 -53.06 21.14
C TYR B 313 -18.66 -54.34 21.82
N THR B 314 -19.61 -55.26 22.01
CA THR B 314 -19.33 -56.56 22.63
C THR B 314 -20.54 -57.45 22.39
N ILE B 315 -20.40 -58.71 22.80
CA ILE B 315 -21.44 -59.72 22.63
C ILE B 315 -21.65 -60.46 23.94
N PHE B 316 -22.85 -60.35 24.51
CA PHE B 316 -23.23 -61.04 25.74
C PHE B 316 -24.37 -62.00 25.41
N ASN B 317 -24.11 -63.31 25.58
CA ASN B 317 -25.12 -64.34 25.40
C ASN B 317 -25.80 -64.21 24.04
N LYS B 318 -24.97 -64.19 23.00
CA LYS B 318 -25.39 -64.16 21.60
C LYS B 318 -25.98 -62.81 21.21
N THR B 319 -26.18 -61.92 22.19
CA THR B 319 -26.74 -60.60 21.92
C THR B 319 -25.64 -59.59 21.64
N LEU B 320 -25.89 -58.72 20.66
CA LEU B 320 -24.90 -57.76 20.17
C LEU B 320 -25.24 -56.38 20.70
N MET B 321 -24.35 -55.82 21.54
CA MET B 321 -24.63 -54.58 22.25
C MET B 321 -23.51 -53.57 22.05
N GLU B 322 -23.84 -52.31 22.31
CA GLU B 322 -22.93 -51.18 22.18
C GLU B 322 -22.88 -50.40 23.50
N ALA B 323 -22.02 -49.39 23.55
CA ALA B 323 -21.98 -48.44 24.65
C ALA B 323 -21.23 -47.20 24.22
N ASP B 324 -21.67 -46.04 24.72
CA ASP B 324 -20.95 -44.80 24.47
C ASP B 324 -19.60 -44.83 25.18
N ALA B 325 -18.62 -44.15 24.59
CA ALA B 325 -17.29 -44.18 25.16
C ALA B 325 -16.49 -42.98 24.68
N HIS B 326 -15.47 -42.62 25.47
CA HIS B 326 -14.46 -41.64 25.08
C HIS B 326 -13.11 -42.34 25.09
N TYR B 327 -12.48 -42.42 23.93
CA TYR B 327 -11.25 -43.19 23.79
C TYR B 327 -10.03 -42.33 24.11
N LYS B 328 -9.11 -42.92 24.88
CA LYS B 328 -7.87 -42.28 25.27
C LYS B 328 -6.71 -42.96 24.56
N SER B 329 -5.76 -42.16 24.07
CA SER B 329 -4.60 -42.72 23.42
C SER B 329 -3.77 -43.54 24.40
N VAL B 330 -3.36 -44.74 23.96
CA VAL B 330 -2.53 -45.64 24.76
C VAL B 330 -1.11 -45.56 24.22
N ARG B 331 -0.13 -45.60 25.13
CA ARG B 331 1.27 -45.49 24.73
C ARG B 331 2.02 -46.81 24.75
N THR B 332 1.81 -47.64 25.78
CA THR B 332 2.48 -48.93 25.87
C THR B 332 1.45 -50.03 26.14
N TRP B 333 1.83 -51.26 25.83
CA TRP B 333 0.93 -52.37 26.10
C TRP B 333 0.87 -52.69 27.59
N ASN B 334 1.98 -52.52 28.31
CA ASN B 334 1.97 -52.79 29.75
C ASN B 334 1.07 -51.82 30.51
N GLU B 335 0.72 -50.67 29.91
CA GLU B 335 -0.14 -49.71 30.60
C GLU B 335 -1.52 -50.30 30.88
N ILE B 336 -2.02 -51.12 29.97
CA ILE B 336 -3.38 -51.66 30.07
C ILE B 336 -3.40 -53.13 30.46
N ILE B 337 -2.25 -53.79 30.56
CA ILE B 337 -2.18 -55.15 31.10
C ILE B 337 -1.11 -55.18 32.19
N PRO B 338 -1.46 -54.86 33.44
CA PRO B 338 -0.45 -54.87 34.50
C PRO B 338 -0.30 -56.23 35.18
N SER B 339 -1.28 -57.11 35.04
CA SER B 339 -1.22 -58.39 35.75
C SER B 339 -1.85 -59.48 34.87
N LYS B 340 -2.25 -60.60 35.46
CA LYS B 340 -2.72 -61.75 34.66
C LYS B 340 -3.94 -61.64 33.78
N GLY B 341 -5.10 -61.30 34.30
CA GLY B 341 -6.22 -61.08 33.39
C GLY B 341 -6.79 -59.69 33.53
N CYS B 342 -5.93 -58.68 33.48
CA CYS B 342 -6.30 -57.31 33.77
C CYS B 342 -6.31 -56.47 32.51
N LEU B 343 -7.44 -55.83 32.23
CA LEU B 343 -7.56 -54.82 31.18
C LEU B 343 -7.87 -53.51 31.88
N LYS B 344 -6.85 -52.70 32.13
CA LYS B 344 -7.03 -51.46 32.90
C LYS B 344 -7.90 -50.50 32.10
N VAL B 345 -9.16 -50.36 32.53
CA VAL B 345 -10.08 -49.35 32.00
C VAL B 345 -10.60 -48.55 33.19
N GLY B 346 -10.43 -47.23 33.13
CA GLY B 346 -10.87 -46.38 34.21
C GLY B 346 -10.19 -46.63 35.54
N GLY B 347 -8.90 -46.98 35.52
CA GLY B 347 -8.13 -47.13 36.73
C GLY B 347 -8.19 -48.48 37.41
N ARG B 348 -9.25 -49.26 37.20
CA ARG B 348 -9.36 -50.60 37.74
C ARG B 348 -9.58 -51.59 36.61
N CYS B 349 -9.23 -52.85 36.88
CA CYS B 349 -9.31 -53.90 35.87
C CYS B 349 -10.77 -54.16 35.48
N HIS B 350 -11.02 -54.20 34.17
CA HIS B 350 -12.37 -54.31 33.67
C HIS B 350 -12.87 -55.74 33.81
N PRO B 351 -14.15 -55.94 34.13
CA PRO B 351 -14.67 -57.29 34.30
C PRO B 351 -14.95 -57.97 32.97
N HIS B 352 -14.80 -59.29 32.98
CA HIS B 352 -15.06 -60.11 31.82
C HIS B 352 -16.30 -60.96 32.07
N VAL B 353 -17.24 -60.94 31.14
CA VAL B 353 -18.30 -61.94 31.09
C VAL B 353 -17.83 -63.04 30.15
N ASN B 354 -18.02 -64.29 30.57
CA ASN B 354 -17.28 -65.42 30.00
C ASN B 354 -15.80 -65.04 29.94
N GLY B 355 -15.25 -64.88 28.74
CA GLY B 355 -13.85 -64.49 28.63
C GLY B 355 -13.58 -63.33 27.69
N VAL B 356 -14.58 -62.46 27.48
CA VAL B 356 -14.47 -61.41 26.49
C VAL B 356 -14.75 -60.05 27.13
N PHE B 357 -14.14 -59.02 26.56
CA PHE B 357 -14.40 -57.63 26.88
C PHE B 357 -14.93 -56.94 25.62
N PHE B 358 -14.94 -55.62 25.64
CA PHE B 358 -15.40 -54.85 24.49
C PHE B 358 -14.37 -54.90 23.37
N ASN B 359 -14.86 -54.73 22.14
CA ASN B 359 -14.01 -54.62 20.94
C ASN B 359 -13.12 -55.85 20.75
N GLY B 360 -13.57 -57.02 21.22
CA GLY B 360 -12.86 -58.26 20.96
C GLY B 360 -11.51 -58.38 21.64
N ILE B 361 -11.48 -58.26 22.97
CA ILE B 361 -10.26 -58.40 23.75
C ILE B 361 -10.35 -59.67 24.59
N ILE B 362 -10.75 -60.78 23.96
CA ILE B 362 -11.02 -62.04 24.66
C ILE B 362 -9.87 -62.42 25.58
N LEU B 363 -10.20 -63.04 26.71
CA LEU B 363 -9.17 -63.62 27.57
C LEU B 363 -8.48 -64.76 26.83
N GLY B 364 -7.16 -64.84 26.99
CA GLY B 364 -6.37 -65.78 26.23
C GLY B 364 -6.58 -67.23 26.62
N PRO B 365 -5.71 -68.10 26.10
CA PRO B 365 -5.84 -69.54 26.43
C PRO B 365 -5.67 -69.83 27.91
N ASP B 366 -4.80 -69.08 28.59
CA ASP B 366 -4.49 -69.28 29.99
C ASP B 366 -4.89 -68.06 30.83
N ASP B 367 -6.04 -67.49 30.51
CA ASP B 367 -6.65 -66.39 31.27
C ASP B 367 -5.83 -65.11 31.22
N HIS B 368 -4.92 -64.98 30.26
CA HIS B 368 -4.25 -63.71 30.01
C HIS B 368 -5.05 -62.90 28.99
N VAL B 369 -4.72 -61.63 28.87
CA VAL B 369 -5.44 -60.72 28.01
C VAL B 369 -4.86 -60.81 26.59
N LEU B 370 -5.73 -60.94 25.61
CA LEU B 370 -5.35 -60.98 24.20
C LEU B 370 -5.98 -59.79 23.50
N ILE B 371 -5.14 -58.94 22.92
CA ILE B 371 -5.58 -57.82 22.10
C ILE B 371 -5.13 -58.10 20.67
N PRO B 372 -6.04 -58.08 19.69
CA PRO B 372 -5.62 -58.41 18.31
C PRO B 372 -4.45 -57.60 17.81
N GLU B 373 -4.47 -56.28 18.02
CA GLU B 373 -3.36 -55.45 17.57
C GLU B 373 -2.07 -55.83 18.28
N MET B 374 -2.14 -56.11 19.59
CA MET B 374 -0.95 -56.46 20.35
C MET B 374 -0.37 -57.78 19.90
N GLN B 375 -1.23 -58.77 19.59
CA GLN B 375 -0.74 -60.03 19.06
C GLN B 375 -0.02 -59.82 17.73
N SER B 376 -0.56 -58.96 16.86
CA SER B 376 0.12 -58.64 15.61
C SER B 376 1.46 -57.97 15.90
N SER B 377 1.48 -57.05 16.88
CA SER B 377 2.74 -56.39 17.23
C SER B 377 3.75 -57.38 17.79
N LEU B 378 3.33 -58.26 18.68
CA LEU B 378 4.24 -59.25 19.26
C LEU B 378 4.84 -60.15 18.20
N LEU B 379 4.07 -60.48 17.15
CA LEU B 379 4.57 -61.41 16.14
C LEU B 379 5.72 -60.81 15.36
N GLN B 380 5.64 -59.52 15.01
CA GLN B 380 6.70 -58.93 14.20
C GLN B 380 7.98 -58.69 15.00
N GLN B 381 7.94 -58.90 16.29
CA GLN B 381 9.12 -58.78 17.12
C GLN B 381 9.77 -60.13 17.19
N HIS B 382 9.11 -61.15 16.69
CA HIS B 382 9.61 -62.48 16.81
C HIS B 382 10.91 -62.72 16.10
N MET B 383 11.55 -63.78 16.59
CA MET B 383 12.87 -64.30 16.24
C MET B 383 13.87 -63.90 17.33
N GLU B 384 13.46 -62.96 18.14
CA GLU B 384 14.19 -62.37 19.27
C GLU B 384 14.53 -63.08 20.62
N LEU B 385 13.61 -63.88 21.20
CA LEU B 385 13.82 -64.43 22.52
C LEU B 385 13.70 -65.95 22.49
N LEU B 386 14.53 -66.57 23.34
CA LEU B 386 14.58 -68.02 23.55
C LEU B 386 14.41 -68.75 22.23
N LYS B 387 15.39 -68.55 21.33
CA LYS B 387 15.46 -69.36 20.13
C LYS B 387 15.22 -70.84 20.46
N SER B 388 15.70 -71.28 21.63
CA SER B 388 15.42 -72.60 22.19
C SER B 388 15.69 -73.72 21.20
N SER B 389 16.64 -73.49 20.29
CA SER B 389 17.13 -74.54 19.42
C SER B 389 18.07 -75.47 20.20
N VAL B 390 17.83 -75.62 21.51
CA VAL B 390 18.62 -76.55 22.32
C VAL B 390 18.31 -78.00 21.91
N ILE B 391 19.30 -78.87 22.10
CA ILE B 391 19.29 -80.23 21.59
C ILE B 391 19.37 -81.16 22.80
N PRO B 392 18.74 -82.34 22.74
CA PRO B 392 18.87 -83.32 23.82
C PRO B 392 20.13 -84.16 23.73
N LEU B 393 20.84 -84.24 24.84
CA LEU B 393 21.94 -85.21 25.08
C LEU B 393 22.78 -85.63 23.86
N GLU C 1 -14.75 67.18 -42.68
CA GLU C 1 -15.61 66.03 -42.43
C GLU C 1 -14.97 64.75 -42.94
N VAL C 2 -14.57 63.89 -42.01
CA VAL C 2 -13.95 62.61 -42.34
C VAL C 2 -15.02 61.62 -42.74
N GLN C 3 -14.72 60.79 -43.74
CA GLN C 3 -15.65 59.76 -44.21
C GLN C 3 -14.94 58.43 -44.30
N LEU C 4 -15.61 57.38 -43.82
CA LEU C 4 -15.19 55.99 -43.94
C LEU C 4 -16.24 55.24 -44.76
N GLN C 5 -16.08 55.22 -46.07
CA GLN C 5 -17.07 54.58 -46.94
C GLN C 5 -17.02 53.06 -46.79
N GLN C 6 -18.18 52.48 -46.51
CA GLN C 6 -18.36 51.04 -46.48
C GLN C 6 -19.59 50.69 -47.29
N PHE C 7 -19.66 49.46 -47.77
CA PHE C 7 -20.83 48.99 -48.51
C PHE C 7 -21.90 48.46 -47.58
N GLY C 8 -23.13 48.52 -48.06
CA GLY C 8 -24.31 48.18 -47.29
C GLY C 8 -24.28 46.77 -46.73
N ALA C 9 -24.18 45.78 -47.61
CA ALA C 9 -24.23 44.40 -47.17
C ALA C 9 -23.53 43.51 -48.18
N GLU C 10 -23.13 42.34 -47.70
CA GLU C 10 -22.58 41.28 -48.54
C GLU C 10 -23.36 40.04 -48.16
N LEU C 11 -24.01 39.41 -49.14
CA LEU C 11 -24.79 38.21 -48.89
C LEU C 11 -23.98 37.00 -49.37
N VAL C 12 -23.47 36.22 -48.42
CA VAL C 12 -22.52 35.15 -48.72
C VAL C 12 -23.11 33.81 -48.30
N LYS C 13 -22.49 32.73 -48.81
CA LYS C 13 -22.86 31.34 -48.55
C LYS C 13 -21.96 30.73 -47.47
N PRO C 14 -22.50 29.82 -46.66
CA PRO C 14 -21.69 29.20 -45.61
C PRO C 14 -20.53 28.39 -46.18
N GLY C 15 -19.36 28.53 -45.56
CA GLY C 15 -18.16 27.86 -46.00
C GLY C 15 -17.29 28.63 -46.96
N ALA C 16 -17.77 29.77 -47.46
CA ALA C 16 -17.05 30.59 -48.43
C ALA C 16 -16.23 31.66 -47.69
N SER C 17 -15.67 32.60 -48.44
CA SER C 17 -14.98 33.76 -47.89
C SER C 17 -15.65 35.04 -48.39
N VAL C 18 -15.30 36.16 -47.77
CA VAL C 18 -15.77 37.48 -48.19
C VAL C 18 -14.73 38.51 -47.77
N LYS C 19 -14.55 39.53 -48.60
CA LYS C 19 -13.56 40.59 -48.36
C LYS C 19 -14.29 41.93 -48.39
N ILE C 20 -14.54 42.53 -47.20
CA ILE C 20 -15.25 43.80 -47.12
C ILE C 20 -14.26 44.96 -47.08
N SER C 21 -14.65 46.08 -47.67
CA SER C 21 -13.77 47.22 -47.91
C SER C 21 -14.17 48.44 -47.09
N CYS C 22 -13.18 49.29 -46.81
CA CYS C 22 -13.37 50.50 -46.01
C CYS C 22 -12.51 51.59 -46.66
N LYS C 23 -13.18 52.52 -47.36
CA LYS C 23 -12.51 53.60 -48.06
C LYS C 23 -12.48 54.83 -47.16
N ALA C 24 -11.27 55.28 -46.84
CA ALA C 24 -11.06 56.42 -45.97
C ALA C 24 -10.84 57.69 -46.79
N SER C 25 -11.43 58.79 -46.32
CA SER C 25 -11.24 60.09 -46.96
C SER C 25 -11.44 61.18 -45.92
N GLY C 26 -10.88 62.35 -46.20
CA GLY C 26 -10.92 63.47 -45.29
C GLY C 26 -9.67 63.64 -44.45
N TYR C 27 -8.91 62.57 -44.25
CA TYR C 27 -7.64 62.63 -43.53
C TYR C 27 -6.61 61.80 -44.28
N THR C 28 -5.36 61.86 -43.82
CA THR C 28 -4.28 61.09 -44.43
C THR C 28 -4.37 59.65 -43.95
N PHE C 29 -4.59 58.73 -44.90
CA PHE C 29 -4.87 57.34 -44.56
C PHE C 29 -3.76 56.71 -43.72
N THR C 30 -2.52 57.13 -43.93
CA THR C 30 -1.38 56.52 -43.26
C THR C 30 -1.08 57.14 -41.90
N ASP C 31 -1.77 58.22 -41.53
CA ASP C 31 -1.51 58.90 -40.27
C ASP C 31 -2.22 58.26 -39.08
N TYR C 32 -3.10 57.30 -39.31
CA TYR C 32 -3.83 56.65 -38.23
C TYR C 32 -3.97 55.16 -38.51
N ASN C 33 -4.14 54.39 -37.44
CA ASN C 33 -4.47 52.98 -37.60
C ASN C 33 -5.93 52.84 -38.00
N MET C 34 -6.30 51.64 -38.42
CA MET C 34 -7.67 51.32 -38.80
C MET C 34 -8.14 50.13 -37.99
N ASP C 35 -9.24 50.31 -37.27
CA ASP C 35 -9.82 49.24 -36.46
C ASP C 35 -10.99 48.61 -37.17
N TRP C 36 -11.34 47.40 -36.70
CA TRP C 36 -12.51 46.69 -37.19
C TRP C 36 -13.27 46.14 -35.99
N VAL C 37 -14.58 46.31 -36.01
CA VAL C 37 -15.45 45.90 -34.90
C VAL C 37 -16.57 45.03 -35.47
N LYS C 38 -16.95 44.00 -34.71
CA LYS C 38 -18.07 43.14 -35.04
C LYS C 38 -19.23 43.44 -34.10
N GLN C 39 -20.44 43.45 -34.64
CA GLN C 39 -21.64 43.63 -33.83
C GLN C 39 -22.71 42.68 -34.35
N SER C 40 -22.96 41.60 -33.61
CA SER C 40 -24.02 40.68 -33.98
C SER C 40 -25.37 41.33 -33.72
N HIS C 41 -26.43 40.71 -34.24
CA HIS C 41 -27.74 41.32 -34.17
C HIS C 41 -28.26 41.30 -32.74
N GLY C 42 -28.39 42.49 -32.14
CA GLY C 42 -28.85 42.59 -30.77
C GLY C 42 -27.82 42.23 -29.73
N LYS C 43 -26.54 42.48 -30.01
CA LYS C 43 -25.45 42.21 -29.10
C LYS C 43 -24.63 43.49 -28.97
N SER C 44 -23.55 43.41 -28.20
CA SER C 44 -22.66 44.54 -27.99
C SER C 44 -21.59 44.56 -29.08
N LEU C 45 -20.61 45.46 -28.93
CA LEU C 45 -19.54 45.62 -29.89
C LEU C 45 -18.34 44.79 -29.48
N GLN C 46 -17.72 44.14 -30.46
CA GLN C 46 -16.60 43.25 -30.22
C GLN C 46 -15.43 43.69 -31.09
N TRP C 47 -14.28 43.92 -30.47
CA TRP C 47 -13.11 44.37 -31.22
C TRP C 47 -12.46 43.19 -31.94
N ILE C 48 -12.28 43.33 -33.24
CA ILE C 48 -11.68 42.29 -34.06
C ILE C 48 -10.18 42.48 -34.10
N GLY C 49 -9.74 43.62 -34.62
CA GLY C 49 -8.32 43.88 -34.73
C GLY C 49 -8.07 45.25 -35.31
N ASP C 50 -6.80 45.55 -35.53
CA ASP C 50 -6.41 46.82 -36.12
C ASP C 50 -5.21 46.60 -37.05
N ILE C 51 -5.02 47.58 -37.95
CA ILE C 51 -3.93 47.53 -38.92
C ILE C 51 -3.35 48.93 -39.06
N SER C 52 -2.04 48.99 -39.27
CA SER C 52 -1.38 50.25 -39.57
C SER C 52 -1.23 50.40 -41.08
N PRO C 53 -1.90 51.35 -41.71
CA PRO C 53 -1.67 51.57 -43.15
C PRO C 53 -0.25 51.99 -43.45
N TYR C 54 0.46 52.54 -42.45
CA TYR C 54 1.86 52.94 -42.66
C TYR C 54 2.80 51.74 -42.55
N TYR C 55 2.86 51.11 -41.38
CA TYR C 55 3.82 50.02 -41.16
C TYR C 55 3.32 48.70 -41.73
N GLY C 56 2.02 48.52 -41.87
CA GLY C 56 1.46 47.21 -42.17
C GLY C 56 1.37 46.28 -40.97
N SER C 57 1.71 46.76 -39.78
CA SER C 57 1.59 45.93 -38.58
C SER C 57 0.12 45.71 -38.24
N THR C 58 -0.19 44.49 -37.80
CA THR C 58 -1.56 44.12 -37.46
C THR C 58 -1.64 43.67 -36.02
N GLY C 59 -2.79 43.92 -35.41
CA GLY C 59 -3.11 43.38 -34.10
C GLY C 59 -4.46 42.71 -34.16
N TYR C 60 -4.54 41.54 -33.52
CA TYR C 60 -5.74 40.71 -33.58
C TYR C 60 -6.16 40.26 -32.18
N SER C 61 -7.47 40.22 -31.95
CA SER C 61 -7.99 39.52 -30.78
C SER C 61 -7.91 38.01 -31.02
N GLN C 62 -7.64 37.27 -29.93
CA GLN C 62 -7.48 35.82 -30.06
C GLN C 62 -8.75 35.17 -30.59
N LYS C 63 -9.92 35.78 -30.34
CA LYS C 63 -11.17 35.18 -30.79
C LYS C 63 -11.30 35.22 -32.31
N PHE C 64 -10.65 36.18 -32.97
CA PHE C 64 -10.75 36.35 -34.41
C PHE C 64 -9.49 35.94 -35.15
N LYS C 65 -8.43 35.53 -34.45
CA LYS C 65 -7.22 35.10 -35.14
C LYS C 65 -7.46 33.74 -35.79
N GLY C 66 -7.26 33.69 -37.11
CA GLY C 66 -7.64 32.55 -37.91
C GLY C 66 -8.93 32.76 -38.68
N LYS C 67 -9.81 33.65 -38.19
CA LYS C 67 -11.06 33.98 -38.86
C LYS C 67 -10.91 35.17 -39.82
N ALA C 68 -10.37 36.28 -39.34
CA ALA C 68 -10.24 37.51 -40.11
C ALA C 68 -8.79 37.80 -40.47
N THR C 69 -8.60 38.41 -41.63
CA THR C 69 -7.28 38.86 -42.10
C THR C 69 -7.40 40.30 -42.57
N LEU C 70 -6.51 41.16 -42.06
CA LEU C 70 -6.55 42.59 -42.34
C LEU C 70 -5.45 42.95 -43.34
N THR C 71 -5.84 43.70 -44.38
CA THR C 71 -4.89 44.25 -45.34
C THR C 71 -5.28 45.69 -45.63
N VAL C 72 -4.40 46.40 -46.35
CA VAL C 72 -4.68 47.76 -46.82
C VAL C 72 -4.14 47.90 -48.23
N ASP C 73 -4.64 48.92 -48.92
CA ASP C 73 -4.10 49.32 -50.21
C ASP C 73 -3.95 50.84 -50.20
N ARG C 74 -2.71 51.31 -50.16
CA ARG C 74 -2.47 52.74 -49.99
C ARG C 74 -2.68 53.53 -51.27
N SER C 75 -2.59 52.88 -52.44
CA SER C 75 -2.87 53.57 -53.69
C SER C 75 -4.32 54.04 -53.72
N SER C 76 -5.23 53.23 -53.17
CA SER C 76 -6.65 53.58 -53.11
C SER C 76 -7.08 54.10 -51.74
N SER C 77 -6.18 54.12 -50.75
CA SER C 77 -6.50 54.55 -49.39
C SER C 77 -7.66 53.72 -48.82
N THR C 78 -7.57 52.40 -48.95
CA THR C 78 -8.67 51.51 -48.62
C THR C 78 -8.16 50.36 -47.74
N ALA C 79 -8.85 50.14 -46.62
CA ALA C 79 -8.57 49.01 -45.74
C ALA C 79 -9.53 47.86 -46.02
N TYR C 80 -9.02 46.64 -45.97
CA TYR C 80 -9.82 45.45 -46.22
C TYR C 80 -9.77 44.51 -45.03
N MET C 81 -10.89 43.82 -44.82
CA MET C 81 -10.96 42.69 -43.89
C MET C 81 -11.65 41.54 -44.59
N GLU C 82 -10.98 40.38 -44.62
CA GLU C 82 -11.48 39.17 -45.26
C GLU C 82 -11.82 38.14 -44.20
N LEU C 83 -13.00 37.54 -44.30
CA LEU C 83 -13.42 36.52 -43.34
C LEU C 83 -13.45 35.16 -44.00
N ARG C 84 -13.02 34.15 -43.25
CA ARG C 84 -12.86 32.79 -43.74
C ARG C 84 -13.81 31.85 -43.00
N SER C 85 -14.29 30.84 -43.72
CA SER C 85 -15.07 29.75 -43.14
C SER C 85 -16.32 30.28 -42.42
N LEU C 86 -17.11 31.03 -43.19
CA LEU C 86 -18.24 31.75 -42.60
C LEU C 86 -19.33 30.78 -42.16
N THR C 87 -19.81 30.97 -40.94
CA THR C 87 -20.95 30.28 -40.39
C THR C 87 -22.03 31.30 -40.05
N SER C 88 -23.17 30.81 -39.55
CA SER C 88 -24.23 31.74 -39.15
C SER C 88 -23.83 32.61 -37.97
N GLU C 89 -22.86 32.18 -37.15
CA GLU C 89 -22.40 33.04 -36.06
C GLU C 89 -21.60 34.23 -36.57
N ASP C 90 -21.18 34.20 -37.82
CA ASP C 90 -20.45 35.32 -38.40
C ASP C 90 -21.39 36.38 -38.97
N THR C 91 -22.67 36.07 -39.09
CA THR C 91 -23.65 37.03 -39.58
C THR C 91 -23.77 38.18 -38.59
N ALA C 92 -23.29 39.35 -38.99
CA ALA C 92 -23.26 40.52 -38.12
C ALA C 92 -22.99 41.75 -38.98
N VAL C 93 -23.03 42.90 -38.33
CA VAL C 93 -22.63 44.16 -38.95
C VAL C 93 -21.17 44.41 -38.59
N TYR C 94 -20.34 44.62 -39.61
CA TYR C 94 -18.91 44.79 -39.43
C TYR C 94 -18.55 46.24 -39.73
N TYR C 95 -18.15 46.97 -38.68
CA TYR C 95 -17.75 48.35 -38.79
C TYR C 95 -16.24 48.46 -38.94
N CYS C 96 -15.80 49.45 -39.71
CA CYS C 96 -14.42 49.90 -39.66
C CYS C 96 -14.40 51.23 -38.94
N ALA C 97 -13.44 51.40 -38.03
CA ALA C 97 -13.44 52.56 -37.14
C ALA C 97 -12.06 53.20 -37.11
N ARG C 98 -12.04 54.48 -36.71
CA ARG C 98 -10.84 55.30 -36.65
C ARG C 98 -10.76 55.96 -35.29
N ARG C 99 -9.68 55.71 -34.55
CA ARG C 99 -9.56 56.23 -33.19
C ARG C 99 -9.04 57.66 -33.23
N ASN C 100 -8.81 58.23 -32.05
CA ASN C 100 -8.20 59.55 -31.97
C ASN C 100 -6.68 59.38 -32.10
N TYR C 101 -5.94 60.48 -31.93
CA TYR C 101 -4.50 60.44 -32.16
C TYR C 101 -3.74 59.60 -31.13
N ASP C 102 -4.30 59.36 -29.94
CA ASP C 102 -3.65 58.50 -28.97
C ASP C 102 -4.35 57.15 -28.80
N GLY C 103 -5.24 56.80 -29.74
CA GLY C 103 -5.84 55.48 -29.73
C GLY C 103 -6.63 55.15 -28.49
N SER C 104 -7.30 56.15 -27.92
CA SER C 104 -8.09 55.90 -26.71
C SER C 104 -9.55 55.60 -27.03
N TRP C 105 -10.20 56.48 -27.79
CA TRP C 105 -11.59 56.31 -28.14
C TRP C 105 -11.76 56.37 -29.65
N PHE C 106 -12.85 55.76 -30.13
CA PHE C 106 -13.11 55.67 -31.56
C PHE C 106 -13.73 56.98 -32.04
N ALA C 107 -13.03 57.69 -32.92
CA ALA C 107 -13.46 59.01 -33.36
C ALA C 107 -14.47 58.93 -34.49
N TYR C 108 -14.28 58.00 -35.42
CA TYR C 108 -15.14 57.90 -36.60
C TYR C 108 -15.47 56.44 -36.86
N TRP C 109 -16.68 56.22 -37.39
CA TRP C 109 -17.16 54.90 -37.74
C TRP C 109 -17.69 54.93 -39.16
N GLY C 110 -17.84 53.75 -39.74
CA GLY C 110 -18.47 53.60 -41.02
C GLY C 110 -19.94 53.21 -40.84
N GLN C 111 -20.66 53.20 -41.96
CA GLN C 111 -22.07 52.82 -41.91
C GLN C 111 -22.23 51.37 -41.47
N GLY C 112 -21.24 50.55 -41.72
CA GLY C 112 -21.34 49.13 -41.41
C GLY C 112 -21.68 48.32 -42.64
N THR C 113 -21.22 47.08 -42.64
CA THR C 113 -21.47 46.15 -43.74
C THR C 113 -22.16 44.94 -43.13
N LEU C 114 -23.42 44.74 -43.49
CA LEU C 114 -24.21 43.63 -42.95
C LEU C 114 -23.87 42.38 -43.72
N VAL C 115 -23.04 41.53 -43.13
CA VAL C 115 -22.68 40.25 -43.74
C VAL C 115 -23.67 39.22 -43.22
N THR C 116 -24.41 38.60 -44.14
CA THR C 116 -25.39 37.58 -43.82
C THR C 116 -24.93 36.26 -44.40
N VAL C 117 -24.92 35.21 -43.59
CA VAL C 117 -24.44 33.90 -43.99
C VAL C 117 -25.63 32.97 -44.02
N SER C 118 -26.13 32.69 -45.23
CA SER C 118 -27.22 31.75 -45.43
C SER C 118 -27.28 31.37 -46.90
N SER C 119 -27.58 30.11 -47.17
CA SER C 119 -27.69 29.63 -48.54
C SER C 119 -29.12 29.74 -49.05
N GLU C 121 -8.21 39.80 -20.17
CA GLU C 121 -8.98 40.95 -20.66
C GLU C 121 -9.74 41.63 -19.52
N LEU C 122 -10.09 42.90 -19.73
CA LEU C 122 -10.89 43.65 -18.78
C LEU C 122 -12.36 43.52 -19.16
N VAL C 123 -13.17 42.97 -18.26
CA VAL C 123 -14.60 42.85 -18.49
C VAL C 123 -15.30 44.09 -17.93
N MET C 124 -16.19 44.67 -18.73
CA MET C 124 -16.95 45.86 -18.36
C MET C 124 -18.38 45.43 -18.07
N THR C 125 -18.76 45.46 -16.79
CA THR C 125 -20.09 45.04 -16.37
C THR C 125 -21.01 46.26 -16.38
N GLN C 126 -21.94 46.28 -17.33
CA GLN C 126 -22.90 47.37 -17.44
C GLN C 126 -24.17 46.94 -16.69
N SER C 127 -24.64 47.81 -15.78
CA SER C 127 -25.62 47.35 -14.80
C SER C 127 -27.02 47.18 -15.36
N PRO C 128 -27.67 48.20 -15.95
CA PRO C 128 -29.05 47.98 -16.40
C PRO C 128 -29.10 47.46 -17.83
N ALA C 129 -29.79 46.34 -18.03
CA ALA C 129 -29.87 45.76 -19.37
C ALA C 129 -30.84 46.53 -20.26
N ILE C 130 -32.06 46.76 -19.77
CA ILE C 130 -33.06 47.55 -20.48
C ILE C 130 -33.61 48.57 -19.50
N LEU C 131 -33.92 49.76 -19.99
CA LEU C 131 -34.46 50.82 -19.13
C LEU C 131 -35.61 51.49 -19.89
N SER C 132 -36.77 51.58 -19.25
CA SER C 132 -38.00 52.03 -19.89
C SER C 132 -38.49 53.31 -19.22
N VAL C 133 -38.42 54.42 -19.94
CA VAL C 133 -38.87 55.71 -19.43
C VAL C 133 -39.61 56.50 -20.49
N SER C 134 -40.38 57.48 -20.02
CA SER C 134 -41.10 58.52 -20.76
C SER C 134 -40.24 59.77 -20.81
N PRO C 135 -40.54 60.72 -21.70
CA PRO C 135 -39.69 61.92 -21.78
C PRO C 135 -39.77 62.78 -20.54
N GLY C 136 -38.64 63.41 -20.21
CA GLY C 136 -38.52 64.27 -19.05
C GLY C 136 -37.89 63.64 -17.84
N GLU C 137 -37.72 62.32 -17.82
CA GLU C 137 -37.23 61.60 -16.64
C GLU C 137 -35.71 61.55 -16.62
N ARG C 138 -35.15 61.45 -15.42
CA ARG C 138 -33.70 61.43 -15.24
C ARG C 138 -33.26 59.99 -15.01
N VAL C 139 -32.30 59.53 -15.81
CA VAL C 139 -31.77 58.17 -15.70
C VAL C 139 -30.26 58.23 -15.69
N SER C 140 -29.66 57.12 -15.25
CA SER C 140 -28.21 57.00 -15.17
C SER C 140 -27.85 55.53 -15.27
N PHE C 141 -26.91 55.20 -16.14
CA PHE C 141 -26.46 53.82 -16.28
C PHE C 141 -25.12 53.65 -15.60
N SER C 142 -24.86 52.41 -15.17
CA SER C 142 -23.65 52.08 -14.41
C SER C 142 -22.77 51.16 -15.25
N CYS C 143 -21.46 51.37 -15.15
CA CYS C 143 -20.48 50.51 -15.80
C CYS C 143 -19.39 50.23 -14.77
N ARG C 144 -19.13 48.95 -14.51
CA ARG C 144 -18.22 48.53 -13.46
C ARG C 144 -17.06 47.78 -14.09
N ALA C 145 -15.86 48.35 -13.98
CA ALA C 145 -14.68 47.66 -14.47
C ALA C 145 -14.25 46.59 -13.47
N SER C 146 -13.60 45.55 -13.99
CA SER C 146 -13.14 44.46 -13.13
C SER C 146 -11.92 44.85 -12.31
N GLN C 147 -11.22 45.91 -12.69
CA GLN C 147 -10.07 46.38 -11.93
C GLN C 147 -9.94 47.88 -12.16
N ILE C 148 -8.91 48.47 -11.56
CA ILE C 148 -8.73 49.92 -11.63
C ILE C 148 -8.36 50.30 -13.07
N ILE C 149 -9.06 51.29 -13.62
CA ILE C 149 -8.79 51.79 -14.96
C ILE C 149 -8.69 53.30 -14.92
N GLY C 150 -8.59 53.87 -13.72
CA GLY C 150 -8.51 55.31 -13.56
C GLY C 150 -9.74 56.04 -14.08
N THR C 151 -9.59 56.74 -15.21
CA THR C 151 -10.72 57.36 -15.88
C THR C 151 -10.75 57.01 -17.36
N SER C 152 -10.09 55.92 -17.76
CA SER C 152 -10.00 55.55 -19.17
C SER C 152 -11.22 54.69 -19.53
N ILE C 153 -12.33 55.40 -19.76
CA ILE C 153 -13.58 54.76 -20.18
C ILE C 153 -14.38 55.81 -20.93
N HIS C 154 -15.12 55.36 -21.93
CA HIS C 154 -15.82 56.26 -22.83
C HIS C 154 -17.22 55.72 -23.10
N TRP C 155 -18.17 56.64 -23.29
CA TRP C 155 -19.57 56.29 -23.47
C TRP C 155 -19.99 56.58 -24.91
N TYR C 156 -20.61 55.59 -25.55
CA TYR C 156 -21.08 55.70 -26.94
C TYR C 156 -22.59 55.51 -27.00
N GLN C 157 -23.23 56.23 -27.90
CA GLN C 157 -24.65 56.05 -28.20
C GLN C 157 -24.79 55.49 -29.61
N GLN C 158 -25.72 54.54 -29.77
CA GLN C 158 -25.95 53.90 -31.07
C GLN C 158 -27.45 53.85 -31.32
N ARG C 159 -27.92 54.68 -32.26
CA ARG C 159 -29.30 54.61 -32.71
C ARG C 159 -29.54 53.31 -33.46
N THR C 160 -30.82 52.95 -33.60
CA THR C 160 -31.16 51.74 -34.34
C THR C 160 -30.72 51.92 -35.79
N ASN C 161 -30.02 50.93 -36.32
CA ASN C 161 -29.50 50.94 -37.69
C ASN C 161 -28.48 52.05 -37.92
N GLY C 162 -27.95 52.66 -36.84
CA GLY C 162 -26.96 53.70 -36.93
C GLY C 162 -25.60 53.26 -36.38
N SER C 163 -24.59 54.08 -36.68
CA SER C 163 -23.24 53.88 -36.16
C SER C 163 -23.14 54.43 -34.74
N PRO C 164 -22.23 53.87 -33.93
CA PRO C 164 -22.00 54.42 -32.59
C PRO C 164 -21.41 55.83 -32.64
N ARG C 165 -21.82 56.66 -31.68
CA ARG C 165 -21.33 58.03 -31.56
C ARG C 165 -20.85 58.28 -30.13
N LEU C 166 -19.60 58.72 -29.99
CA LEU C 166 -19.02 58.96 -28.68
C LEU C 166 -19.75 60.08 -27.96
N LEU C 167 -20.21 59.81 -26.73
CA LEU C 167 -20.94 60.77 -25.90
C LEU C 167 -20.08 61.41 -24.83
N ILE C 168 -19.25 60.63 -24.15
CA ILE C 168 -18.41 61.10 -23.05
C ILE C 168 -17.05 60.42 -23.14
N LYS C 169 -15.98 61.21 -23.07
CA LYS C 169 -14.63 60.68 -23.12
C LYS C 169 -13.97 60.83 -21.74
N TYR C 170 -13.18 59.83 -21.36
CA TYR C 170 -12.50 59.83 -20.07
C TYR C 170 -13.47 60.03 -18.92
N ALA C 171 -14.64 59.42 -19.06
CA ALA C 171 -15.61 59.21 -17.98
C ALA C 171 -16.36 60.47 -17.60
N SER C 172 -15.83 61.64 -17.94
CA SER C 172 -16.52 62.88 -17.58
C SER C 172 -16.39 64.01 -18.60
N GLU C 173 -15.40 63.99 -19.49
CA GLU C 173 -15.09 65.15 -20.30
C GLU C 173 -16.08 65.30 -21.45
N SER C 174 -16.50 66.54 -21.70
CA SER C 174 -17.53 66.81 -22.70
C SER C 174 -16.98 66.62 -24.12
N ILE C 175 -17.91 66.55 -25.07
CA ILE C 175 -17.63 66.44 -26.50
C ILE C 175 -18.37 67.55 -27.21
N SER C 176 -17.70 68.24 -28.11
CA SER C 176 -18.33 69.33 -28.84
C SER C 176 -19.34 68.76 -29.84
N GLY C 177 -20.55 69.33 -29.84
CA GLY C 177 -21.63 68.87 -30.70
C GLY C 177 -22.68 68.02 -30.03
N ILE C 178 -22.54 67.77 -28.73
CA ILE C 178 -23.42 66.88 -27.98
C ILE C 178 -24.19 67.70 -26.96
N PRO C 179 -25.49 67.47 -26.78
CA PRO C 179 -26.28 68.30 -25.88
C PRO C 179 -25.74 68.26 -24.45
N SER C 180 -26.10 69.28 -23.68
CA SER C 180 -25.58 69.40 -22.32
C SER C 180 -26.30 68.48 -21.34
N ARG C 181 -27.30 67.73 -21.79
CA ARG C 181 -28.02 66.84 -20.89
C ARG C 181 -27.23 65.58 -20.56
N PHE C 182 -26.24 65.22 -21.38
CA PHE C 182 -25.42 64.04 -21.13
C PHE C 182 -24.19 64.43 -20.33
N SER C 183 -23.87 63.62 -19.32
CA SER C 183 -22.68 63.84 -18.50
C SER C 183 -22.25 62.51 -17.89
N GLY C 184 -21.00 62.47 -17.44
CA GLY C 184 -20.47 61.29 -16.79
C GLY C 184 -19.70 61.65 -15.55
N SER C 185 -19.58 60.66 -14.67
CA SER C 185 -18.82 60.77 -13.44
C SER C 185 -18.21 59.41 -13.15
N GLY C 186 -17.20 59.39 -12.27
CA GLY C 186 -16.59 58.12 -11.94
C GLY C 186 -15.08 58.08 -12.04
N SER C 187 -14.44 57.50 -11.02
CA SER C 187 -12.99 57.33 -11.01
C SER C 187 -12.67 56.02 -10.30
N GLY C 188 -12.00 55.12 -11.00
CA GLY C 188 -11.66 53.82 -10.45
C GLY C 188 -12.36 52.71 -11.20
N THR C 189 -13.31 52.03 -10.54
CA THR C 189 -14.04 50.94 -11.15
C THR C 189 -15.49 51.29 -11.50
N ASP C 190 -16.17 52.09 -10.68
CA ASP C 190 -17.59 52.38 -10.88
C ASP C 190 -17.73 53.71 -11.62
N PHE C 191 -18.36 53.67 -12.78
CA PHE C 191 -18.57 54.86 -13.61
C PHE C 191 -20.06 55.00 -13.95
N THR C 192 -20.54 56.23 -14.01
CA THR C 192 -21.95 56.49 -14.24
C THR C 192 -22.16 57.47 -15.39
N LEU C 193 -22.97 57.07 -16.36
CA LEU C 193 -23.42 57.95 -17.43
C LEU C 193 -24.86 58.37 -17.11
N THR C 194 -25.08 59.68 -16.97
CA THR C 194 -26.35 60.22 -16.54
C THR C 194 -26.97 61.05 -17.66
N ILE C 195 -28.25 60.85 -17.92
CA ILE C 195 -29.03 61.64 -18.87
C ILE C 195 -30.12 62.35 -18.10
N ASN C 196 -30.05 63.68 -18.04
CA ASN C 196 -31.15 64.49 -17.54
C ASN C 196 -32.03 64.86 -18.72
N SER C 197 -33.34 64.91 -18.48
CA SER C 197 -34.35 65.25 -19.48
C SER C 197 -34.22 64.33 -20.70
N VAL C 198 -34.53 63.04 -20.46
CA VAL C 198 -34.54 62.08 -21.54
C VAL C 198 -35.56 62.49 -22.59
N GLU C 199 -35.14 62.46 -23.85
CA GLU C 199 -35.96 62.92 -24.97
C GLU C 199 -36.17 61.77 -25.95
N SER C 200 -36.82 62.08 -27.07
CA SER C 200 -37.11 61.07 -28.09
C SER C 200 -35.84 60.65 -28.82
N ASP C 201 -34.95 61.62 -29.10
CA ASP C 201 -33.73 61.29 -29.82
C ASP C 201 -32.73 60.52 -28.96
N ASP C 202 -33.09 60.16 -27.73
CA ASP C 202 -32.21 59.45 -26.81
C ASP C 202 -32.57 57.98 -26.68
N ILE C 203 -33.52 57.47 -27.47
CA ILE C 203 -33.86 56.05 -27.42
C ILE C 203 -32.88 55.33 -28.35
N ALA C 204 -31.96 54.61 -27.76
CA ALA C 204 -30.87 53.96 -28.50
C ALA C 204 -30.17 53.00 -27.55
N ASP C 205 -29.07 52.42 -28.02
CA ASP C 205 -28.21 51.57 -27.22
C ASP C 205 -27.03 52.37 -26.68
N TYR C 206 -26.67 52.14 -25.42
CA TYR C 206 -25.60 52.88 -24.76
C TYR C 206 -24.55 51.90 -24.26
N TYR C 207 -23.30 52.07 -24.71
CA TYR C 207 -22.20 51.19 -24.37
C TYR C 207 -21.09 51.97 -23.70
N CYS C 208 -20.40 51.30 -22.78
CA CYS C 208 -19.17 51.82 -22.19
C CYS C 208 -17.99 51.05 -22.74
N GLN C 209 -16.87 51.75 -22.94
CA GLN C 209 -15.68 51.13 -23.52
C GLN C 209 -14.46 51.61 -22.73
N GLN C 210 -13.62 50.66 -22.31
CA GLN C 210 -12.39 50.99 -21.60
C GLN C 210 -11.22 51.07 -22.57
N SER C 211 -10.26 51.95 -22.25
CA SER C 211 -9.04 52.10 -23.03
C SER C 211 -7.82 52.06 -22.13
N ASN C 212 -7.91 51.30 -21.04
CA ASN C 212 -6.82 51.16 -20.07
C ASN C 212 -5.89 50.00 -20.42
N SER C 213 -6.42 48.89 -20.93
CA SER C 213 -5.63 47.71 -21.23
C SER C 213 -5.96 47.19 -22.62
N TRP C 214 -5.06 46.37 -23.15
CA TRP C 214 -5.24 45.72 -24.43
C TRP C 214 -5.79 44.31 -24.25
N PRO C 215 -6.81 43.95 -25.03
CA PRO C 215 -7.46 44.78 -26.06
C PRO C 215 -8.59 45.65 -25.50
N VAL C 216 -9.20 46.47 -26.34
CA VAL C 216 -10.31 47.30 -25.93
C VAL C 216 -11.55 46.42 -25.81
N THR C 217 -12.35 46.67 -24.77
CA THR C 217 -13.54 45.88 -24.51
C THR C 217 -14.70 46.81 -24.21
N PHE C 218 -15.91 46.30 -24.43
CA PHE C 218 -17.12 47.09 -24.27
C PHE C 218 -18.01 46.48 -23.20
N GLY C 219 -19.05 47.24 -22.82
CA GLY C 219 -20.10 46.75 -21.96
C GLY C 219 -21.20 46.07 -22.75
N ALA C 220 -22.08 45.38 -22.02
CA ALA C 220 -23.17 44.67 -22.69
C ALA C 220 -24.12 45.64 -23.39
N GLY C 221 -24.36 46.79 -22.80
CA GLY C 221 -25.23 47.78 -23.40
C GLY C 221 -26.52 47.97 -22.63
N THR C 222 -27.12 49.14 -22.85
CA THR C 222 -28.41 49.48 -22.23
C THR C 222 -29.33 49.98 -23.34
N LYS C 223 -30.52 49.37 -23.44
CA LYS C 223 -31.54 49.77 -24.40
C LYS C 223 -32.59 50.62 -23.69
N LEU C 224 -33.15 51.59 -24.41
CA LEU C 224 -34.19 52.45 -23.85
C LEU C 224 -35.54 52.32 -24.58
N LYS D 5 5.57 37.43 -20.37
CA LYS D 5 6.42 36.30 -20.77
C LYS D 5 7.60 36.80 -21.58
N PHE D 6 7.59 36.51 -22.88
CA PHE D 6 8.54 37.13 -23.81
C PHE D 6 7.77 37.87 -24.89
N PRO D 7 7.59 39.17 -24.75
CA PRO D 7 6.77 39.92 -25.72
C PRO D 7 7.58 40.38 -26.91
N ILE D 8 6.91 40.99 -27.90
CA ILE D 8 7.63 41.51 -29.05
C ILE D 8 8.43 42.75 -28.68
N TYR D 9 8.07 43.43 -27.60
CA TYR D 9 8.73 44.67 -27.21
C TYR D 9 8.41 44.94 -25.75
N THR D 10 9.14 45.88 -25.16
CA THR D 10 8.90 46.33 -23.80
C THR D 10 8.88 47.86 -23.78
N ILE D 11 7.80 48.42 -23.24
CA ILE D 11 7.66 49.87 -23.17
C ILE D 11 7.50 50.25 -21.70
N PRO D 12 8.08 51.36 -21.25
CA PRO D 12 7.82 51.82 -19.89
C PRO D 12 6.38 52.28 -19.73
N ASP D 13 5.79 51.91 -18.59
CA ASP D 13 4.54 52.52 -18.14
C ASP D 13 4.78 53.42 -16.94
N GLU D 14 6.01 53.47 -16.43
CA GLU D 14 6.37 54.28 -15.28
C GLU D 14 7.80 54.76 -15.52
N LEU D 15 7.95 56.03 -15.90
CA LEU D 15 9.25 56.61 -16.22
C LEU D 15 9.60 57.70 -15.21
N GLY D 16 10.89 57.83 -14.91
CA GLY D 16 11.36 58.76 -13.93
C GLY D 16 12.02 59.98 -14.52
N PRO D 17 12.96 60.57 -13.78
CA PRO D 17 13.63 61.80 -14.24
C PRO D 17 14.87 61.50 -15.05
N TRP D 18 15.08 62.30 -16.09
CA TRP D 18 16.22 62.13 -17.00
C TRP D 18 17.42 62.85 -16.40
N SER D 19 18.28 62.09 -15.73
CA SER D 19 19.51 62.61 -15.17
C SER D 19 20.69 62.30 -16.08
N PRO D 20 21.59 63.25 -16.29
CA PRO D 20 22.79 62.97 -17.09
C PRO D 20 23.71 62.00 -16.38
N ILE D 21 24.24 61.04 -17.14
CA ILE D 21 25.20 60.07 -16.66
C ILE D 21 26.38 60.04 -17.63
N ASP D 22 27.40 59.28 -17.24
CA ASP D 22 28.57 59.08 -18.08
C ASP D 22 28.53 57.69 -18.71
N ILE D 23 29.45 57.49 -19.66
CA ILE D 23 29.44 56.27 -20.47
C ILE D 23 29.67 55.04 -19.60
N HIS D 24 30.57 55.14 -18.62
CA HIS D 24 31.05 53.95 -17.93
C HIS D 24 30.04 53.36 -16.96
N HIS D 25 28.89 53.97 -16.74
CA HIS D 25 27.87 53.39 -15.87
C HIS D 25 26.67 52.86 -16.65
N LEU D 26 26.79 52.74 -17.97
CA LEU D 26 25.86 51.93 -18.73
C LEU D 26 26.09 50.45 -18.42
N SER D 27 25.04 49.65 -18.57
CA SER D 27 25.18 48.22 -18.36
C SER D 27 24.10 47.50 -19.13
N CYS D 28 24.38 46.25 -19.47
CA CYS D 28 23.37 45.44 -20.15
C CYS D 28 22.39 44.89 -19.12
N PRO D 29 21.09 44.90 -19.43
CA PRO D 29 20.10 44.45 -18.44
C PRO D 29 20.10 42.95 -18.25
N ASN D 30 19.50 42.54 -17.13
CA ASN D 30 19.31 41.12 -16.81
C ASN D 30 17.98 40.67 -17.40
N ASN D 31 18.04 39.78 -18.38
CA ASN D 31 16.85 39.32 -19.07
C ASN D 31 16.33 37.97 -18.57
N LEU D 32 17.08 37.28 -17.72
CA LEU D 32 16.64 35.97 -17.28
C LEU D 32 15.58 36.07 -16.18
N VAL D 33 15.76 36.98 -15.25
CA VAL D 33 14.81 37.16 -14.16
C VAL D 33 13.55 37.92 -14.52
N VAL D 34 12.53 37.68 -13.73
CA VAL D 34 11.19 38.22 -13.89
C VAL D 34 10.91 39.57 -13.27
N GLU D 35 9.64 39.93 -13.35
CA GLU D 35 9.10 41.21 -12.93
C GLU D 35 9.18 41.45 -11.44
N ASP D 36 9.06 42.73 -11.07
CA ASP D 36 9.12 43.16 -9.66
C ASP D 36 10.56 42.99 -9.19
N GLU D 37 10.82 42.27 -8.10
CA GLU D 37 12.17 42.02 -7.63
C GLU D 37 12.75 40.79 -8.33
N GLY D 38 14.07 40.67 -8.23
CA GLY D 38 14.78 39.55 -8.83
C GLY D 38 15.63 38.83 -7.81
N CYS D 39 15.82 37.55 -8.05
CA CYS D 39 16.69 36.72 -7.23
C CYS D 39 18.02 36.48 -7.94
N THR D 40 19.06 36.24 -7.14
CA THR D 40 20.43 36.40 -7.61
C THR D 40 21.31 35.18 -7.45
N ASN D 41 20.96 34.24 -6.58
CA ASN D 41 21.81 33.09 -6.28
C ASN D 41 21.25 31.87 -7.03
N LEU D 42 21.99 31.38 -8.02
CA LEU D 42 21.57 30.23 -8.79
C LEU D 42 22.52 29.06 -8.55
N SER D 43 21.96 27.85 -8.60
CA SER D 43 22.72 26.63 -8.35
C SER D 43 22.14 25.51 -9.21
N GLU D 44 23.02 24.67 -9.75
CA GLU D 44 22.57 23.55 -10.57
C GLU D 44 21.97 22.46 -9.70
N PHE D 45 20.85 21.91 -10.16
CA PHE D 45 20.08 20.93 -9.39
C PHE D 45 19.26 20.08 -10.35
N SER D 46 18.42 19.23 -9.77
CA SER D 46 17.56 18.35 -10.55
C SER D 46 16.11 18.52 -10.12
N TYR D 47 15.20 18.36 -11.09
CA TYR D 47 13.77 18.50 -10.84
C TYR D 47 13.02 17.54 -11.75
N MET D 48 11.81 17.19 -11.33
CA MET D 48 10.95 16.29 -12.07
C MET D 48 9.85 17.07 -12.79
N GLU D 49 9.38 16.51 -13.90
CA GLU D 49 8.32 17.13 -14.69
C GLU D 49 7.67 16.04 -15.53
N LEU D 50 6.52 16.37 -16.11
CA LEU D 50 5.81 15.41 -16.94
C LEU D 50 6.65 15.04 -18.15
N LYS D 51 6.57 13.76 -18.54
CA LYS D 51 7.30 13.29 -19.70
C LYS D 51 6.79 13.98 -20.96
N VAL D 52 7.70 14.26 -21.89
CA VAL D 52 7.35 14.98 -23.10
C VAL D 52 6.44 14.12 -23.97
N GLY D 53 5.36 14.72 -24.44
CA GLY D 53 4.42 14.04 -25.31
C GLY D 53 3.01 14.15 -24.79
N TYR D 54 2.10 13.40 -25.41
CA TYR D 54 0.69 13.39 -25.06
C TYR D 54 0.39 12.09 -24.35
N ILE D 55 0.15 12.17 -23.04
CA ILE D 55 -0.18 10.99 -22.26
C ILE D 55 -1.63 10.59 -22.54
N SER D 56 -1.87 9.30 -22.67
CA SER D 56 -3.20 8.79 -22.92
C SER D 56 -3.81 8.27 -21.63
N ALA D 57 -4.98 7.63 -21.73
CA ALA D 57 -5.61 7.05 -20.57
C ALA D 57 -4.75 5.93 -20.01
N ILE D 58 -4.33 6.06 -18.75
CA ILE D 58 -3.52 5.04 -18.11
C ILE D 58 -4.40 3.83 -17.80
N LYS D 59 -4.04 2.68 -18.36
CA LYS D 59 -4.81 1.46 -18.20
C LYS D 59 -4.14 0.58 -17.15
N VAL D 60 -4.82 0.37 -16.03
CA VAL D 60 -4.37 -0.57 -14.99
C VAL D 60 -5.25 -1.82 -15.07
N ASN D 61 -4.61 -2.96 -15.32
CA ASN D 61 -5.33 -4.22 -15.43
C ASN D 61 -5.85 -4.67 -14.07
N GLY D 62 -6.85 -5.56 -14.10
CA GLY D 62 -7.42 -6.08 -12.88
C GLY D 62 -8.17 -7.36 -13.14
N PHE D 63 -8.70 -7.92 -12.07
CA PHE D 63 -9.57 -9.11 -12.14
C PHE D 63 -10.66 -8.99 -11.10
N THR D 64 -11.82 -9.56 -11.42
CA THR D 64 -12.92 -9.65 -10.47
C THR D 64 -12.92 -11.02 -9.82
N CYS D 65 -13.24 -11.06 -8.53
CA CYS D 65 -13.24 -12.29 -7.76
C CYS D 65 -14.58 -12.41 -7.05
N THR D 66 -15.32 -13.47 -7.35
CA THR D 66 -16.64 -13.69 -6.76
C THR D 66 -16.65 -15.06 -6.09
N GLY D 67 -17.30 -15.14 -4.94
CA GLY D 67 -17.30 -16.34 -4.10
C GLY D 67 -18.62 -17.07 -4.20
N VAL D 68 -18.54 -18.37 -4.46
CA VAL D 68 -19.69 -19.23 -4.67
C VAL D 68 -19.50 -20.52 -3.89
N VAL D 69 -20.53 -20.92 -3.16
CA VAL D 69 -20.56 -22.20 -2.45
C VAL D 69 -21.71 -23.02 -3.02
N THR D 70 -21.42 -24.29 -3.34
CA THR D 70 -22.37 -25.18 -3.98
C THR D 70 -22.70 -26.34 -3.05
N GLU D 71 -23.99 -26.60 -2.86
CA GLU D 71 -24.45 -27.74 -2.07
C GLU D 71 -24.98 -28.81 -3.02
N ALA D 72 -24.35 -29.97 -3.02
CA ALA D 72 -24.78 -31.10 -3.82
C ALA D 72 -25.36 -32.17 -2.90
N GLU D 73 -26.58 -32.61 -3.21
CA GLU D 73 -27.27 -33.64 -2.42
C GLU D 73 -27.68 -34.78 -3.34
N THR D 74 -27.11 -35.96 -3.10
CA THR D 74 -27.53 -37.15 -3.82
C THR D 74 -28.84 -37.69 -3.25
N TYR D 75 -29.50 -38.53 -4.05
CA TYR D 75 -30.89 -38.97 -3.83
C TYR D 75 -31.87 -37.82 -4.06
N THR D 82 -29.59 -36.42 -8.44
CA THR D 82 -28.61 -35.61 -7.70
C THR D 82 -28.84 -34.13 -7.95
N THR D 83 -29.22 -33.40 -6.89
CA THR D 83 -29.62 -32.01 -7.00
C THR D 83 -28.48 -31.08 -6.58
N PHE D 84 -28.53 -29.84 -7.07
CA PHE D 84 -27.48 -28.86 -6.83
C PHE D 84 -28.08 -27.52 -6.41
N LYS D 85 -27.43 -26.88 -5.44
CA LYS D 85 -27.86 -25.60 -4.88
C LYS D 85 -26.64 -24.67 -4.88
N ARG D 86 -26.85 -23.42 -5.29
CA ARG D 86 -25.75 -22.48 -5.47
C ARG D 86 -26.11 -21.15 -4.81
N LYS D 87 -25.24 -20.67 -3.93
CA LYS D 87 -25.38 -19.35 -3.36
C LYS D 87 -24.00 -18.69 -3.31
N HIS D 88 -24.01 -17.38 -3.17
CA HIS D 88 -22.80 -16.55 -3.22
C HIS D 88 -22.37 -16.14 -1.82
N PHE D 89 -21.18 -15.54 -1.75
CA PHE D 89 -20.67 -14.96 -0.51
C PHE D 89 -19.56 -13.97 -0.84
N ARG D 90 -19.39 -12.99 0.03
CA ARG D 90 -18.38 -11.96 -0.17
C ARG D 90 -17.00 -12.55 0.09
N PRO D 91 -16.11 -12.57 -0.91
CA PRO D 91 -14.79 -13.16 -0.74
C PRO D 91 -13.82 -12.19 -0.09
N THR D 92 -12.69 -12.76 0.39
CA THR D 92 -11.47 -12.30 1.04
C THR D 92 -10.42 -11.94 -0.01
N PRO D 93 -9.77 -10.77 0.14
CA PRO D 93 -8.78 -10.36 -0.86
C PRO D 93 -7.62 -11.32 -1.00
N ASP D 94 -7.08 -11.81 0.12
CA ASP D 94 -5.90 -12.68 0.04
C ASP D 94 -6.25 -13.99 -0.63
N ALA D 95 -7.36 -14.62 -0.22
CA ALA D 95 -7.83 -15.82 -0.91
C ALA D 95 -8.05 -15.55 -2.39
N CYS D 96 -8.59 -14.36 -2.71
CA CYS D 96 -8.85 -14.02 -4.11
C CYS D 96 -7.56 -13.96 -4.91
N ARG D 97 -6.55 -13.26 -4.41
CA ARG D 97 -5.29 -13.20 -5.15
C ARG D 97 -4.60 -14.55 -5.21
N ALA D 98 -4.84 -15.41 -4.21
CA ALA D 98 -4.31 -16.77 -4.30
C ALA D 98 -4.97 -17.53 -5.45
N ALA D 99 -6.29 -17.39 -5.58
CA ALA D 99 -6.99 -18.02 -6.69
C ALA D 99 -6.54 -17.46 -8.03
N TYR D 100 -6.35 -16.14 -8.10
CA TYR D 100 -5.86 -15.53 -9.33
C TYR D 100 -4.48 -16.07 -9.70
N ASN D 101 -3.61 -16.26 -8.70
CA ASN D 101 -2.30 -16.84 -8.99
C ASN D 101 -2.44 -18.27 -9.48
N TRP D 102 -3.35 -19.05 -8.87
CA TRP D 102 -3.66 -20.38 -9.37
C TRP D 102 -4.00 -20.35 -10.86
N LYS D 103 -4.90 -19.46 -11.25
CA LYS D 103 -5.39 -19.43 -12.63
C LYS D 103 -4.31 -18.95 -13.59
N MET D 104 -3.52 -17.95 -13.18
CA MET D 104 -2.47 -17.45 -14.06
C MET D 104 -1.37 -18.48 -14.26
N ALA D 105 -0.96 -19.15 -13.18
CA ALA D 105 0.08 -20.18 -13.24
C ALA D 105 -0.44 -21.50 -13.77
N GLY D 106 -1.68 -21.56 -14.24
CA GLY D 106 -2.24 -22.80 -14.74
C GLY D 106 -2.29 -23.91 -13.70
N ASP D 107 -2.52 -23.55 -12.45
CA ASP D 107 -2.60 -24.57 -11.41
C ASP D 107 -3.88 -25.38 -11.59
N PRO D 108 -3.80 -26.71 -11.64
CA PRO D 108 -5.02 -27.52 -11.83
C PRO D 108 -6.06 -27.32 -10.75
N ARG D 109 -5.68 -26.80 -9.58
CA ARG D 109 -6.62 -26.72 -8.48
C ARG D 109 -7.65 -25.63 -8.67
N TYR D 110 -7.38 -24.63 -9.52
CA TYR D 110 -8.39 -23.62 -9.78
C TYR D 110 -9.56 -24.19 -10.56
N GLU D 111 -9.28 -24.84 -11.70
CA GLU D 111 -10.37 -25.46 -12.47
C GLU D 111 -11.00 -26.61 -11.71
N GLU D 112 -10.24 -27.32 -10.87
CA GLU D 112 -10.82 -28.41 -10.09
C GLU D 112 -11.82 -27.89 -9.07
N SER D 113 -11.62 -26.68 -8.57
CA SER D 113 -12.54 -26.10 -7.59
C SER D 113 -13.85 -25.63 -8.21
N LEU D 114 -13.96 -25.64 -9.54
CA LEU D 114 -15.18 -25.19 -10.21
C LEU D 114 -16.17 -26.32 -10.46
N HIS D 115 -15.73 -27.57 -10.46
CA HIS D 115 -16.60 -28.71 -10.69
C HIS D 115 -17.21 -29.17 -9.38
N ASN D 116 -17.90 -30.31 -9.39
CA ASN D 116 -18.40 -30.92 -8.16
C ASN D 116 -18.73 -32.39 -8.40
N ARG D 124 -24.97 -35.20 1.46
CA ARG D 124 -24.75 -33.80 1.13
C ARG D 124 -23.26 -33.48 1.11
N THR D 125 -22.84 -32.74 0.08
CA THR D 125 -21.47 -32.27 -0.04
C THR D 125 -21.49 -30.78 -0.32
N THR D 126 -20.62 -30.03 0.36
CA THR D 126 -20.57 -28.59 0.24
C THR D 126 -19.19 -28.16 -0.21
N LYS D 127 -19.13 -27.34 -1.26
CA LYS D 127 -17.88 -26.93 -1.87
C LYS D 127 -17.89 -25.43 -2.09
N GLU D 128 -16.87 -24.75 -1.58
CA GLU D 128 -16.65 -23.34 -1.87
C GLU D 128 -15.66 -23.17 -3.02
N SER D 129 -15.79 -22.06 -3.73
CA SER D 129 -14.83 -21.74 -4.77
C SER D 129 -14.89 -20.24 -5.05
N LEU D 130 -13.80 -19.72 -5.60
CA LEU D 130 -13.70 -18.32 -6.01
C LEU D 130 -13.50 -18.27 -7.51
N ILE D 131 -14.40 -17.59 -8.21
CA ILE D 131 -14.32 -17.45 -9.66
C ILE D 131 -13.54 -16.20 -10.00
N ILE D 132 -12.51 -16.34 -10.83
CA ILE D 132 -11.66 -15.23 -11.25
C ILE D 132 -11.97 -14.90 -12.70
N ILE D 133 -12.41 -13.66 -12.93
CA ILE D 133 -12.62 -13.14 -14.29
C ILE D 133 -11.54 -12.11 -14.57
N SER D 134 -10.77 -12.35 -15.63
CA SER D 134 -9.77 -11.40 -16.10
C SER D 134 -9.87 -11.28 -17.62
N PRO D 135 -9.62 -10.07 -18.16
CA PRO D 135 -9.31 -8.87 -17.39
C PRO D 135 -10.44 -7.84 -17.29
N SER D 136 -10.74 -7.41 -16.06
CA SER D 136 -11.55 -6.22 -15.81
C SER D 136 -10.59 -5.05 -15.68
N VAL D 137 -10.45 -4.26 -16.74
CA VAL D 137 -9.52 -3.15 -16.77
C VAL D 137 -10.23 -1.89 -16.34
N THR D 138 -9.46 -0.97 -15.74
CA THR D 138 -9.96 0.33 -15.33
C THR D 138 -8.98 1.38 -15.82
N ASP D 139 -9.42 2.64 -15.78
CA ASP D 139 -8.57 3.80 -16.04
C ASP D 139 -8.49 4.64 -14.78
N LEU D 140 -7.29 5.05 -14.40
CA LEU D 140 -7.09 5.85 -13.20
C LEU D 140 -6.53 7.22 -13.56
N ASP D 141 -7.04 8.28 -12.86
CA ASP D 141 -6.49 9.59 -13.15
C ASP D 141 -5.44 9.97 -12.12
N PRO D 142 -4.43 10.73 -12.52
CA PRO D 142 -3.24 10.90 -11.65
C PRO D 142 -3.46 11.80 -10.45
N TYR D 143 -4.52 12.62 -10.41
CA TYR D 143 -4.71 13.50 -9.28
C TYR D 143 -5.13 12.69 -8.06
N ASP D 144 -6.28 12.05 -8.13
CA ASP D 144 -6.69 11.17 -7.07
C ASP D 144 -6.33 9.87 -7.71
N LYS D 145 -5.55 9.04 -7.04
CA LYS D 145 -5.18 7.78 -7.66
C LYS D 145 -6.40 7.00 -7.39
N SER D 146 -7.32 7.05 -8.32
CA SER D 146 -8.55 6.36 -8.19
C SER D 146 -8.77 5.57 -9.42
N LEU D 147 -9.53 4.50 -9.30
CA LEU D 147 -9.81 3.67 -10.46
C LEU D 147 -11.21 3.98 -10.98
N HIS D 148 -11.34 4.07 -12.29
CA HIS D 148 -12.61 4.35 -12.95
C HIS D 148 -12.96 3.18 -13.84
N SER D 149 -14.16 2.63 -13.65
CA SER D 149 -14.67 1.53 -14.45
C SER D 149 -16.16 1.38 -14.17
N ARG D 150 -16.88 0.83 -15.15
CA ARG D 150 -18.32 0.66 -14.98
C ARG D 150 -18.67 -0.41 -13.97
N VAL D 151 -17.70 -1.24 -13.57
CA VAL D 151 -17.96 -2.26 -12.55
C VAL D 151 -17.97 -1.70 -11.13
N PHE D 152 -17.48 -0.47 -10.94
CA PHE D 152 -17.48 0.13 -9.61
C PHE D 152 -18.84 0.75 -9.31
N PRO D 153 -19.26 0.74 -8.04
CA PRO D 153 -20.64 1.15 -7.71
C PRO D 153 -20.99 2.57 -8.10
N GLY D 154 -19.99 3.43 -8.33
CA GLY D 154 -20.27 4.77 -8.80
C GLY D 154 -19.44 5.13 -10.01
N GLY D 155 -18.90 4.10 -10.67
CA GLY D 155 -17.96 4.33 -11.75
C GLY D 155 -16.59 4.77 -11.32
N LYS D 156 -16.32 4.77 -10.01
CA LYS D 156 -15.07 5.31 -9.47
C LYS D 156 -14.76 4.60 -8.16
N CYS D 157 -13.71 3.78 -8.15
CA CYS D 157 -13.20 3.24 -6.89
C CYS D 157 -12.26 4.25 -6.25
N SER D 158 -12.18 4.19 -4.91
CA SER D 158 -11.35 5.14 -4.19
C SER D 158 -9.88 5.04 -4.62
N GLY D 159 -9.33 3.85 -4.59
CA GLY D 159 -7.95 3.62 -4.96
C GLY D 159 -7.38 2.47 -4.15
N ILE D 160 -6.37 1.82 -4.71
CA ILE D 160 -5.73 0.67 -4.09
C ILE D 160 -4.61 1.19 -3.18
N THR D 161 -4.88 1.24 -1.88
CA THR D 161 -3.92 1.61 -0.88
C THR D 161 -3.40 0.34 -0.19
N VAL D 162 -2.61 0.52 0.87
CA VAL D 162 -2.33 -0.60 1.77
C VAL D 162 -3.48 -0.84 2.72
N SER D 163 -4.34 0.16 2.94
CA SER D 163 -5.51 0.01 3.79
C SER D 163 -6.64 -0.74 3.11
N SER D 164 -6.63 -0.81 1.78
CA SER D 164 -7.66 -1.54 1.04
C SER D 164 -7.00 -2.13 -0.19
N THR D 165 -6.80 -3.44 -0.19
CA THR D 165 -6.18 -4.13 -1.32
C THR D 165 -7.18 -4.50 -2.41
N TYR D 166 -8.43 -4.04 -2.30
CA TYR D 166 -9.46 -4.43 -3.25
C TYR D 166 -10.47 -3.30 -3.42
N CYS D 167 -11.31 -3.44 -4.43
CA CYS D 167 -12.38 -2.49 -4.74
C CYS D 167 -13.72 -3.21 -4.77
N SER D 168 -14.75 -2.56 -4.26
CA SER D 168 -16.08 -3.16 -4.26
C SER D 168 -16.76 -2.99 -5.61
N THR D 169 -17.60 -3.96 -5.96
CA THR D 169 -18.31 -4.02 -7.22
C THR D 169 -19.78 -3.66 -7.00
N ASN D 170 -20.51 -3.53 -8.11
CA ASN D 170 -21.96 -3.39 -8.07
C ASN D 170 -22.66 -4.65 -7.55
N HIS D 171 -21.89 -5.67 -7.18
CA HIS D 171 -22.43 -6.86 -6.54
C HIS D 171 -21.65 -7.09 -5.24
N ASP D 172 -22.39 -7.32 -4.15
CA ASP D 172 -21.74 -7.57 -2.87
C ASP D 172 -20.95 -8.87 -2.86
N TYR D 173 -21.25 -9.78 -3.78
CA TYR D 173 -20.55 -11.06 -3.86
C TYR D 173 -19.33 -11.02 -4.75
N THR D 174 -19.06 -9.89 -5.42
CA THR D 174 -17.90 -9.71 -6.28
C THR D 174 -17.08 -8.53 -5.78
N ILE D 175 -15.77 -8.70 -5.76
CA ILE D 175 -14.83 -7.63 -5.47
C ILE D 175 -13.82 -7.56 -6.61
N TRP D 176 -13.19 -6.39 -6.74
CA TRP D 176 -12.22 -6.14 -7.79
C TRP D 176 -10.85 -5.96 -7.17
N MET D 177 -9.84 -6.56 -7.78
CA MET D 177 -8.46 -6.41 -7.37
C MET D 177 -7.61 -6.24 -8.61
N PRO D 178 -6.54 -5.44 -8.54
CA PRO D 178 -5.67 -5.28 -9.69
C PRO D 178 -4.85 -6.53 -9.93
N GLU D 179 -4.55 -6.79 -11.20
CA GLU D 179 -3.62 -7.88 -11.52
C GLU D 179 -2.27 -7.64 -10.89
N ASN D 180 -1.97 -6.40 -10.52
CA ASN D 180 -0.88 -6.00 -9.63
C ASN D 180 0.47 -6.52 -10.10
N PRO D 181 0.97 -6.11 -11.28
CA PRO D 181 2.39 -6.36 -11.54
C PRO D 181 3.29 -5.49 -10.66
N ARG D 182 2.93 -4.21 -10.53
CA ARG D 182 3.61 -3.26 -9.66
C ARG D 182 2.55 -2.30 -9.15
N PRO D 183 2.44 -2.12 -7.83
CA PRO D 183 1.46 -1.13 -7.31
C PRO D 183 1.89 0.31 -7.51
N ARG D 184 3.15 0.58 -7.88
CA ARG D 184 3.65 1.95 -7.95
C ARG D 184 4.46 2.27 -9.21
N THR D 185 4.75 1.31 -10.07
CA THR D 185 5.60 1.60 -11.21
C THR D 185 4.84 2.17 -12.39
N PRO D 186 3.78 1.51 -12.87
CA PRO D 186 3.22 1.94 -14.14
C PRO D 186 2.46 3.27 -14.06
N CYS D 187 3.09 4.33 -13.54
CA CYS D 187 2.63 5.71 -13.69
C CYS D 187 3.71 6.54 -14.38
N ASP D 188 4.42 5.91 -15.32
CA ASP D 188 5.61 6.51 -15.90
C ASP D 188 5.24 7.69 -16.79
N ILE D 189 4.70 8.74 -16.18
CA ILE D 189 4.46 10.00 -16.86
C ILE D 189 5.50 11.06 -16.50
N PHE D 190 6.48 10.71 -15.67
CA PHE D 190 7.45 11.66 -15.17
C PHE D 190 8.82 11.41 -15.80
N THR D 191 9.61 12.47 -15.85
CA THR D 191 11.02 12.40 -16.21
C THR D 191 11.80 13.26 -15.24
N ASN D 192 13.11 13.03 -15.18
CA ASN D 192 14.00 13.84 -14.37
C ASN D 192 14.83 14.73 -15.29
N SER D 193 14.95 16.01 -14.92
CA SER D 193 15.67 17.00 -15.70
C SER D 193 16.68 17.72 -14.83
N ARG D 194 17.70 18.28 -15.47
CA ARG D 194 18.77 18.99 -14.78
C ARG D 194 18.68 20.46 -15.14
N GLY D 195 18.31 21.29 -14.16
CA GLY D 195 18.22 22.72 -14.37
C GLY D 195 19.05 23.54 -13.40
N LYS D 196 18.62 24.77 -13.14
CA LYS D 196 19.28 25.65 -12.19
C LYS D 196 18.21 26.34 -11.35
N ARG D 197 18.42 26.38 -10.03
CA ARG D 197 17.46 26.96 -9.10
C ARG D 197 17.94 28.33 -8.64
N ALA D 198 17.10 29.35 -8.82
CA ALA D 198 17.40 30.71 -8.34
C ALA D 198 17.10 30.74 -6.86
N SER D 199 18.16 30.76 -6.04
CA SER D 199 17.99 30.56 -4.60
C SER D 199 17.73 31.86 -3.86
N ASN D 200 18.34 32.96 -4.32
CA ASN D 200 18.37 34.20 -3.54
C ASN D 200 19.02 33.87 -2.20
N GLY D 201 18.18 33.78 -1.17
CA GLY D 201 18.60 33.34 0.13
C GLY D 201 17.43 32.74 0.89
N ASN D 202 17.58 31.48 1.30
CA ASN D 202 16.61 30.79 2.15
C ASN D 202 15.19 30.91 1.59
N LYS D 203 15.06 30.75 0.27
CA LYS D 203 13.82 30.88 -0.44
C LYS D 203 14.02 30.32 -1.85
N THR D 204 12.92 30.01 -2.52
CA THR D 204 12.95 29.56 -3.91
C THR D 204 12.17 30.56 -4.76
N CYS D 205 12.91 31.36 -5.54
CA CYS D 205 12.29 32.27 -6.50
C CYS D 205 11.73 31.50 -7.69
N GLY D 206 12.60 30.77 -8.37
CA GLY D 206 12.20 30.01 -9.53
C GLY D 206 13.35 29.14 -9.97
N PHE D 207 13.33 28.77 -11.25
CA PHE D 207 14.37 27.90 -11.75
C PHE D 207 14.47 28.04 -13.25
N VAL D 208 15.66 27.78 -13.76
CA VAL D 208 15.90 27.62 -15.19
C VAL D 208 15.68 26.17 -15.55
N ASP D 209 14.69 25.89 -16.40
CA ASP D 209 14.49 24.51 -16.80
C ASP D 209 15.62 24.09 -17.74
N GLU D 210 15.81 22.77 -17.85
CA GLU D 210 16.85 22.22 -18.71
C GLU D 210 16.74 22.77 -20.12
N ARG D 211 15.53 23.16 -20.52
CA ARG D 211 15.35 23.86 -21.78
C ARG D 211 16.09 25.20 -21.80
N GLY D 212 16.30 25.82 -20.63
CA GLY D 212 17.08 27.02 -20.51
C GLY D 212 16.32 28.27 -20.11
N LEU D 213 15.01 28.18 -19.90
CA LEU D 213 14.18 29.35 -19.63
C LEU D 213 13.90 29.45 -18.13
N TYR D 214 13.76 30.69 -17.65
CA TYR D 214 13.47 30.90 -16.24
C TYR D 214 11.97 30.89 -16.01
N LYS D 215 11.54 30.05 -15.08
CA LYS D 215 10.15 29.97 -14.65
C LYS D 215 10.07 30.38 -13.19
N SER D 216 9.01 31.10 -12.82
CA SER D 216 8.90 31.72 -11.50
C SER D 216 7.94 30.91 -10.63
N LEU D 217 8.33 30.69 -9.37
CA LEU D 217 7.49 30.00 -8.39
C LEU D 217 6.62 31.01 -7.64
N LYS D 218 5.79 31.71 -8.40
CA LYS D 218 4.95 32.77 -7.87
C LYS D 218 3.50 32.49 -8.23
N GLY D 219 2.64 32.48 -7.21
CA GLY D 219 1.24 32.11 -7.40
C GLY D 219 1.10 30.63 -7.66
N ALA D 220 2.18 29.90 -7.40
CA ALA D 220 2.26 28.47 -7.68
C ALA D 220 1.84 27.68 -6.44
N CYS D 221 0.89 26.77 -6.62
CA CYS D 221 0.32 26.00 -5.53
C CYS D 221 0.78 24.55 -5.59
N ARG D 222 0.70 23.87 -4.44
CA ARG D 222 1.11 22.47 -4.35
C ARG D 222 0.07 21.56 -5.01
N LEU D 223 0.52 20.74 -5.94
CA LEU D 223 -0.33 19.75 -6.60
C LEU D 223 0.41 18.41 -6.64
N LYS D 224 -0.37 17.34 -6.47
CA LYS D 224 0.16 15.98 -6.38
C LYS D 224 -0.33 15.18 -7.57
N LEU D 225 0.57 14.74 -8.42
CA LEU D 225 0.21 13.96 -9.58
C LEU D 225 0.65 12.55 -9.34
N CYS D 226 -0.22 11.57 -9.51
CA CYS D 226 0.16 10.19 -9.21
C CYS D 226 0.60 10.21 -7.76
N GLY D 227 1.77 9.70 -7.45
CA GLY D 227 2.20 9.74 -6.06
C GLY D 227 3.16 10.82 -5.62
N VAL D 228 3.82 11.48 -6.55
CA VAL D 228 4.84 12.47 -6.23
C VAL D 228 4.20 13.84 -6.03
N LEU D 229 4.61 14.54 -4.98
CA LEU D 229 4.09 15.86 -4.65
C LEU D 229 4.98 16.92 -5.30
N GLY D 230 4.38 17.74 -6.16
CA GLY D 230 5.09 18.81 -6.80
C GLY D 230 4.32 20.12 -6.75
N LEU D 231 4.60 21.02 -7.68
CA LEU D 231 3.93 22.32 -7.73
C LEU D 231 3.46 22.61 -9.15
N ARG D 232 2.33 23.29 -9.25
CA ARG D 232 1.85 23.83 -10.52
C ARG D 232 2.05 25.34 -10.54
N LEU D 233 2.71 25.83 -11.58
CA LEU D 233 2.96 27.25 -11.74
C LEU D 233 1.76 27.91 -12.41
N MET D 234 1.81 29.24 -12.54
CA MET D 234 0.67 29.96 -13.11
C MET D 234 0.50 29.69 -14.60
N ASP D 235 1.55 29.27 -15.29
CA ASP D 235 1.46 28.94 -16.72
C ASP D 235 1.09 27.49 -16.95
N GLY D 236 0.67 26.77 -15.92
CA GLY D 236 0.18 25.41 -16.05
C GLY D 236 1.23 24.33 -15.96
N THR D 237 2.51 24.67 -16.03
CA THR D 237 3.57 23.67 -15.92
C THR D 237 3.55 23.02 -14.55
N TRP D 238 3.85 21.73 -14.51
CA TRP D 238 4.00 20.99 -13.25
C TRP D 238 5.46 20.61 -13.06
N VAL D 239 5.99 20.82 -11.86
CA VAL D 239 7.34 20.42 -11.50
C VAL D 239 7.33 19.84 -10.10
N ALA D 240 8.38 19.08 -9.79
CA ALA D 240 8.58 18.51 -8.47
C ALA D 240 9.99 18.86 -8.01
N MET D 241 10.08 19.61 -6.93
CA MET D 241 11.39 20.09 -6.47
C MET D 241 11.28 20.44 -4.99
N GLN D 242 12.44 20.71 -4.39
CA GLN D 242 12.51 21.13 -3.00
C GLN D 242 12.31 22.64 -2.91
N THR D 243 11.24 23.05 -2.25
CA THR D 243 10.95 24.46 -2.02
C THR D 243 10.71 24.67 -0.53
N SER D 244 11.50 25.55 0.09
CA SER D 244 11.39 25.83 1.52
C SER D 244 10.45 27.03 1.71
N ASP D 245 9.16 26.75 1.69
CA ASP D 245 8.15 27.78 1.84
C ASP D 245 6.79 27.14 2.12
N GLU D 246 6.03 27.73 3.04
CA GLU D 246 4.64 27.34 3.25
C GLU D 246 3.85 27.68 1.99
N THR D 247 3.49 26.67 1.21
CA THR D 247 2.84 26.86 -0.07
C THR D 247 1.37 26.45 0.03
N LYS D 248 0.50 27.25 -0.59
CA LYS D 248 -0.91 26.94 -0.63
C LYS D 248 -1.16 25.68 -1.45
N TRP D 249 -2.10 24.86 -0.99
CA TRP D 249 -2.55 23.74 -1.78
C TRP D 249 -3.50 24.21 -2.88
N CYS D 250 -3.35 23.63 -4.07
CA CYS D 250 -4.16 24.01 -5.21
C CYS D 250 -5.64 23.77 -4.94
N PRO D 251 -6.52 24.49 -5.63
CA PRO D 251 -7.94 24.17 -5.57
C PRO D 251 -8.18 22.77 -6.16
N PRO D 252 -9.25 22.11 -5.73
CA PRO D 252 -9.42 20.70 -6.12
C PRO D 252 -9.68 20.47 -7.60
N ASP D 253 -10.46 21.34 -8.24
CA ASP D 253 -10.90 21.11 -9.61
C ASP D 253 -9.92 21.64 -10.66
N GLN D 254 -8.78 22.16 -10.26
CA GLN D 254 -7.85 22.77 -11.19
C GLN D 254 -6.82 21.75 -11.68
N LEU D 255 -6.33 21.95 -12.90
CA LEU D 255 -5.53 20.96 -13.61
C LEU D 255 -4.22 21.59 -14.06
N VAL D 256 -3.32 20.74 -14.57
CA VAL D 256 -1.99 21.17 -15.00
C VAL D 256 -1.88 21.04 -16.51
N ASN D 257 -0.77 21.51 -17.06
CA ASN D 257 -0.54 21.47 -18.51
C ASN D 257 0.34 20.28 -18.88
N LEU D 258 0.05 19.68 -20.03
CA LEU D 258 0.88 18.59 -20.52
C LEU D 258 2.22 19.14 -21.01
N HIS D 259 3.32 18.54 -20.53
CA HIS D 259 4.63 18.91 -21.05
C HIS D 259 4.78 18.37 -22.47
N ASP D 260 4.57 19.23 -23.46
CA ASP D 260 4.38 18.83 -24.82
C ASP D 260 5.63 19.10 -25.65
N PHE D 261 5.56 18.73 -26.94
CA PHE D 261 6.73 18.82 -27.81
C PHE D 261 6.92 20.23 -28.35
N ARG D 262 5.87 20.80 -28.94
CA ARG D 262 5.99 22.12 -29.57
C ARG D 262 6.51 23.17 -28.58
N SER D 263 6.04 23.13 -27.34
CA SER D 263 6.48 24.10 -26.33
C SER D 263 7.98 24.01 -26.06
N ASP D 264 8.56 22.81 -26.10
CA ASP D 264 10.01 22.66 -25.99
C ASP D 264 10.73 23.50 -27.06
N GLU D 265 10.30 23.36 -28.31
CA GLU D 265 10.95 24.10 -29.39
C GLU D 265 10.73 25.61 -29.25
N ILE D 266 9.52 26.02 -28.86
CA ILE D 266 9.28 27.43 -28.58
C ILE D 266 10.27 27.94 -27.53
N GLU D 267 10.45 27.18 -26.45
CA GLU D 267 11.40 27.56 -25.41
C GLU D 267 12.81 27.68 -25.97
N HIS D 268 13.22 26.74 -26.81
CA HIS D 268 14.57 26.81 -27.38
C HIS D 268 14.74 28.05 -28.24
N LEU D 269 13.70 28.42 -28.98
CA LEU D 269 13.75 29.65 -29.77
C LEU D 269 13.91 30.87 -28.86
N VAL D 270 13.15 30.90 -27.76
CA VAL D 270 13.23 32.04 -26.86
C VAL D 270 14.63 32.16 -26.27
N VAL D 271 15.18 31.06 -25.74
CA VAL D 271 16.49 31.17 -25.11
C VAL D 271 17.57 31.43 -26.16
N GLU D 272 17.35 30.98 -27.39
CA GLU D 272 18.28 31.29 -28.47
C GLU D 272 18.34 32.79 -28.71
N GLU D 273 17.17 33.41 -28.88
CA GLU D 273 17.13 34.86 -29.11
C GLU D 273 17.65 35.62 -27.90
N LEU D 274 17.35 35.14 -26.70
CA LEU D 274 17.82 35.83 -25.49
C LEU D 274 19.34 35.78 -25.38
N VAL D 275 19.94 34.62 -25.70
CA VAL D 275 21.39 34.52 -25.66
C VAL D 275 22.02 35.44 -26.71
N LYS D 276 21.52 35.38 -27.96
CA LYS D 276 22.14 36.20 -28.99
C LYS D 276 21.96 37.68 -28.72
N LYS D 277 20.81 38.09 -28.16
CA LYS D 277 20.59 39.50 -27.87
C LYS D 277 21.45 39.96 -26.69
N ARG D 278 21.60 39.10 -25.68
CA ARG D 278 22.52 39.40 -24.58
C ARG D 278 23.93 39.65 -25.12
N GLU D 279 24.49 38.67 -25.80
CA GLU D 279 25.82 38.83 -26.38
C GLU D 279 25.89 40.05 -27.28
N GLU D 280 24.80 40.34 -28.00
CA GLU D 280 24.75 41.52 -28.86
C GLU D 280 24.91 42.79 -28.05
N CYS D 281 24.19 42.90 -26.93
CA CYS D 281 24.37 44.05 -26.05
C CYS D 281 25.80 44.14 -25.55
N LEU D 282 26.37 43.01 -25.14
CA LEU D 282 27.78 42.99 -24.71
C LEU D 282 28.69 43.58 -25.79
N ASP D 283 28.48 43.20 -27.04
CA ASP D 283 29.33 43.71 -28.11
C ASP D 283 29.10 45.19 -28.34
N ALA D 284 27.85 45.64 -28.25
CA ALA D 284 27.56 47.05 -28.47
C ALA D 284 28.11 47.90 -27.34
N LEU D 285 27.94 47.45 -26.10
CA LEU D 285 28.48 48.18 -24.96
C LEU D 285 29.99 48.28 -25.04
N GLU D 286 30.66 47.16 -25.34
CA GLU D 286 32.12 47.17 -25.46
C GLU D 286 32.57 48.10 -26.59
N SER D 287 31.87 48.07 -27.73
CA SER D 287 32.20 49.00 -28.81
C SER D 287 31.97 50.44 -28.38
N ILE D 288 31.00 50.67 -27.49
CA ILE D 288 30.82 52.00 -26.92
C ILE D 288 32.03 52.41 -26.10
N MET D 289 32.58 51.47 -25.32
CA MET D 289 33.75 51.78 -24.51
C MET D 289 34.98 52.04 -25.39
N THR D 290 35.08 51.39 -26.53
CA THR D 290 36.19 51.60 -27.46
C THR D 290 36.00 52.85 -28.32
N THR D 291 34.99 53.66 -28.01
CA THR D 291 34.67 54.84 -28.83
C THR D 291 34.14 55.94 -27.90
N LYS D 292 34.16 57.11 -28.48
CA LYS D 292 33.77 58.33 -27.84
C LYS D 292 32.32 58.45 -27.58
N SER D 293 31.54 57.97 -28.52
CA SER D 293 30.12 58.15 -28.42
C SER D 293 29.25 56.96 -28.44
N VAL D 294 28.04 57.20 -28.00
CA VAL D 294 27.01 56.21 -27.96
C VAL D 294 26.06 56.60 -29.04
N SER D 295 25.69 55.61 -29.82
CA SER D 295 24.78 55.72 -30.94
C SER D 295 23.36 55.35 -30.49
N PHE D 296 22.37 55.79 -31.27
CA PHE D 296 20.99 55.41 -30.99
C PHE D 296 20.76 53.93 -31.20
N ARG D 297 21.15 53.41 -32.38
CA ARG D 297 21.05 51.98 -32.63
C ARG D 297 21.77 51.19 -31.54
N ARG D 298 22.95 51.64 -31.14
CA ARG D 298 23.65 50.98 -30.05
C ARG D 298 22.95 51.21 -28.71
N LEU D 299 22.13 52.26 -28.61
CA LEU D 299 21.38 52.49 -27.38
C LEU D 299 20.19 51.55 -27.25
N SER D 300 19.65 51.07 -28.37
CA SER D 300 18.51 50.17 -28.31
C SER D 300 18.88 48.82 -27.73
N HIS D 301 20.16 48.45 -27.75
CA HIS D 301 20.58 47.15 -27.24
C HIS D 301 20.53 47.09 -25.72
N LEU D 302 20.53 48.24 -25.05
CA LEU D 302 20.51 48.29 -23.59
C LEU D 302 19.11 48.16 -23.01
N ARG D 303 18.09 48.03 -23.86
CA ARG D 303 16.71 47.95 -23.38
C ARG D 303 16.43 46.59 -22.74
N LYS D 304 15.78 46.62 -21.58
CA LYS D 304 15.39 45.38 -20.91
C LYS D 304 14.36 44.63 -21.75
N LEU D 305 14.59 43.35 -21.97
CA LEU D 305 13.74 42.54 -22.84
C LEU D 305 12.54 41.93 -22.14
N VAL D 306 12.42 42.13 -20.83
CA VAL D 306 11.44 41.41 -20.01
C VAL D 306 10.78 42.40 -19.07
N PRO D 307 9.49 42.24 -18.75
CA PRO D 307 8.84 43.16 -17.82
C PRO D 307 9.61 43.27 -16.51
N GLY D 308 9.58 44.46 -15.91
CA GLY D 308 10.17 44.67 -14.61
C GLY D 308 10.91 45.98 -14.48
N PHE D 309 11.53 46.20 -13.33
CA PHE D 309 12.25 47.43 -13.09
C PHE D 309 13.60 47.39 -13.79
N GLY D 310 13.91 48.44 -14.51
CA GLY D 310 15.16 48.59 -15.22
C GLY D 310 15.43 50.06 -15.44
N LYS D 311 16.25 50.39 -16.43
CA LYS D 311 16.54 51.78 -16.74
C LYS D 311 16.39 52.02 -18.24
N ALA D 312 16.05 53.27 -18.57
CA ALA D 312 15.97 53.73 -19.95
C ALA D 312 17.08 54.74 -20.20
N TYR D 313 17.44 54.89 -21.47
CA TYR D 313 18.55 55.75 -21.86
C TYR D 313 18.17 56.60 -23.06
N THR D 314 18.70 57.83 -23.10
CA THR D 314 18.44 58.74 -24.20
C THR D 314 19.68 59.58 -24.46
N ILE D 315 19.55 60.50 -25.41
CA ILE D 315 20.58 61.48 -25.74
C ILE D 315 19.85 62.82 -25.92
N PHE D 316 19.95 63.69 -24.93
CA PHE D 316 19.36 65.04 -24.99
C PHE D 316 20.50 66.04 -25.12
N ASN D 317 20.45 66.87 -26.17
CA ASN D 317 21.45 67.91 -26.39
C ASN D 317 22.86 67.33 -26.41
N LYS D 318 23.00 66.17 -27.07
CA LYS D 318 24.29 65.50 -27.22
C LYS D 318 24.93 65.15 -25.87
N THR D 319 24.10 64.75 -24.90
CA THR D 319 24.62 64.22 -23.65
C THR D 319 23.75 63.04 -23.22
N LEU D 320 24.40 62.02 -22.65
CA LEU D 320 23.72 60.78 -22.33
C LEU D 320 22.84 60.95 -21.10
N MET D 321 21.61 60.44 -21.18
CA MET D 321 20.62 60.59 -20.12
C MET D 321 20.17 59.23 -19.64
N GLU D 322 19.92 59.13 -18.33
CA GLU D 322 19.49 57.89 -17.71
C GLU D 322 18.26 58.17 -16.85
N ALA D 323 17.30 57.25 -16.89
CA ALA D 323 16.14 57.32 -16.02
C ALA D 323 15.79 55.92 -15.54
N ASP D 324 15.22 55.84 -14.34
CA ASP D 324 14.71 54.58 -13.84
C ASP D 324 13.29 54.38 -14.37
N ALA D 325 12.98 53.13 -14.72
CA ALA D 325 11.69 52.84 -15.35
C ALA D 325 11.21 51.46 -14.93
N HIS D 326 9.90 51.28 -15.05
CA HIS D 326 9.27 49.96 -14.95
C HIS D 326 8.75 49.59 -16.33
N TYR D 327 9.22 48.45 -16.84
CA TYR D 327 8.91 48.05 -18.22
C TYR D 327 7.67 47.17 -18.24
N LYS D 328 6.71 47.55 -19.08
CA LYS D 328 5.49 46.80 -19.31
C LYS D 328 5.60 46.03 -20.62
N SER D 329 4.92 44.87 -20.69
CA SER D 329 4.91 44.08 -21.91
C SER D 329 4.06 44.74 -22.98
N VAL D 330 4.51 44.60 -24.23
CA VAL D 330 3.82 45.15 -25.39
C VAL D 330 3.24 43.98 -26.19
N ARG D 331 1.95 44.09 -26.53
CA ARG D 331 1.23 43.02 -27.22
C ARG D 331 1.35 43.15 -28.73
N THR D 332 1.04 44.33 -29.28
CA THR D 332 1.13 44.59 -30.70
C THR D 332 1.85 45.90 -30.92
N TRP D 333 2.44 46.06 -32.11
CA TRP D 333 3.09 47.32 -32.42
C TRP D 333 2.08 48.45 -32.54
N ASN D 334 0.85 48.15 -32.96
CA ASN D 334 -0.18 49.19 -33.02
C ASN D 334 -0.65 49.62 -31.64
N GLU D 335 -0.36 48.82 -30.60
CA GLU D 335 -0.74 49.19 -29.24
C GLU D 335 -0.03 50.45 -28.79
N ILE D 336 1.24 50.62 -29.17
CA ILE D 336 2.06 51.75 -28.73
C ILE D 336 2.32 52.76 -29.85
N ILE D 337 1.77 52.55 -31.04
CA ILE D 337 1.87 53.55 -32.11
C ILE D 337 0.50 53.69 -32.76
N PRO D 338 -0.38 54.52 -32.21
CA PRO D 338 -1.74 54.62 -32.74
C PRO D 338 -1.87 55.59 -33.91
N SER D 339 -1.03 56.61 -33.92
CA SER D 339 -1.09 57.65 -34.93
C SER D 339 0.29 57.98 -35.35
N LYS D 340 0.44 58.97 -36.21
CA LYS D 340 1.72 59.24 -36.80
C LYS D 340 2.96 59.56 -35.99
N GLY D 341 2.91 60.48 -35.06
CA GLY D 341 4.12 60.83 -34.32
C GLY D 341 3.93 60.52 -32.90
N CYS D 342 3.09 59.53 -32.67
CA CYS D 342 2.69 59.21 -31.31
C CYS D 342 3.39 57.93 -30.87
N LEU D 343 4.17 58.02 -29.78
CA LEU D 343 4.69 56.85 -29.07
C LEU D 343 3.93 56.78 -27.76
N LYS D 344 2.93 55.89 -27.71
CA LYS D 344 2.02 55.81 -26.56
C LYS D 344 2.77 55.21 -25.38
N VAL D 345 3.11 56.05 -24.41
CA VAL D 345 3.74 55.65 -23.16
C VAL D 345 2.80 56.07 -22.04
N GLY D 346 2.57 55.16 -21.10
CA GLY D 346 1.50 55.40 -20.16
C GLY D 346 0.17 55.39 -20.91
N GLY D 347 -0.68 56.34 -20.59
CA GLY D 347 -1.98 56.39 -21.23
C GLY D 347 -1.99 57.14 -22.54
N ARG D 348 -1.00 58.03 -22.74
CA ARG D 348 -1.05 58.98 -23.83
C ARG D 348 0.27 59.02 -24.61
N CYS D 349 0.38 59.94 -25.57
CA CYS D 349 1.60 60.03 -26.38
C CYS D 349 2.70 60.72 -25.58
N HIS D 350 3.90 60.13 -25.63
CA HIS D 350 5.06 60.67 -24.93
C HIS D 350 5.73 61.76 -25.76
N PRO D 351 6.23 62.81 -25.12
CA PRO D 351 6.89 63.89 -25.87
C PRO D 351 8.32 63.55 -26.23
N HIS D 352 8.77 64.13 -27.33
CA HIS D 352 10.16 64.03 -27.75
C HIS D 352 10.81 65.40 -27.64
N VAL D 353 12.13 65.44 -27.89
CA VAL D 353 12.86 66.70 -28.02
C VAL D 353 13.65 66.60 -29.31
N ASN D 354 13.29 67.43 -30.29
CA ASN D 354 13.90 67.40 -31.62
C ASN D 354 13.87 65.99 -32.22
N GLY D 355 12.84 65.23 -31.88
CA GLY D 355 12.56 63.98 -32.56
C GLY D 355 13.20 62.72 -31.99
N VAL D 356 13.68 62.77 -30.75
CA VAL D 356 14.27 61.60 -30.10
C VAL D 356 13.43 61.20 -28.91
N PHE D 357 13.05 59.92 -28.85
CA PHE D 357 12.50 59.31 -27.66
C PHE D 357 13.61 58.53 -26.97
N PHE D 358 13.24 57.81 -25.92
CA PHE D 358 14.18 56.96 -25.19
C PHE D 358 14.45 55.66 -25.94
N ASN D 359 15.53 54.97 -25.52
CA ASN D 359 15.83 53.60 -25.97
C ASN D 359 15.95 53.49 -27.49
N GLY D 360 16.54 54.49 -28.12
CA GLY D 360 16.79 54.43 -29.54
C GLY D 360 15.60 54.70 -30.43
N ILE D 361 14.41 54.93 -29.87
CA ILE D 361 13.26 55.32 -30.67
C ILE D 361 13.39 56.79 -31.06
N ILE D 362 13.34 57.06 -32.37
CA ILE D 362 13.41 58.43 -32.88
C ILE D 362 12.24 58.68 -33.82
N LEU D 363 12.08 59.95 -34.19
CA LEU D 363 11.15 60.36 -35.24
C LEU D 363 11.86 60.23 -36.58
N GLY D 364 11.21 59.53 -37.53
CA GLY D 364 11.78 59.33 -38.82
C GLY D 364 11.76 60.60 -39.67
N PRO D 365 12.27 60.51 -40.89
CA PRO D 365 12.27 61.68 -41.77
C PRO D 365 10.88 62.21 -42.07
N ASP D 366 9.87 61.34 -42.04
CA ASP D 366 8.50 61.71 -42.35
C ASP D 366 7.63 61.86 -41.10
N ASP D 367 8.26 62.18 -39.96
CA ASP D 367 7.59 62.43 -38.69
C ASP D 367 6.87 61.19 -38.14
N HIS D 368 7.20 60.00 -38.64
CA HIS D 368 6.67 58.76 -38.11
C HIS D 368 7.63 58.17 -37.08
N VAL D 369 7.07 57.48 -36.09
CA VAL D 369 7.87 56.83 -35.06
C VAL D 369 8.64 55.66 -35.66
N LEU D 370 9.93 55.57 -35.32
CA LEU D 370 10.76 54.44 -35.74
C LEU D 370 11.32 53.76 -34.50
N ILE D 371 10.91 52.52 -34.29
CA ILE D 371 11.46 51.66 -33.24
C ILE D 371 12.39 50.66 -33.91
N PRO D 372 13.67 50.59 -33.50
CA PRO D 372 14.62 49.72 -34.21
C PRO D 372 14.18 48.28 -34.34
N GLU D 373 13.72 47.66 -33.24
CA GLU D 373 13.28 46.27 -33.34
C GLU D 373 12.06 46.14 -34.25
N MET D 374 11.21 47.17 -34.28
CA MET D 374 10.01 47.10 -35.09
C MET D 374 10.32 47.19 -36.58
N GLN D 375 11.25 48.06 -36.95
CA GLN D 375 11.62 48.18 -38.36
C GLN D 375 12.24 46.87 -38.86
N SER D 376 13.15 46.30 -38.08
CA SER D 376 13.79 45.04 -38.47
C SER D 376 12.76 43.92 -38.54
N SER D 377 11.82 43.88 -37.59
CA SER D 377 10.83 42.81 -37.57
C SER D 377 9.81 42.96 -38.70
N LEU D 378 9.52 44.20 -39.12
CA LEU D 378 8.44 44.47 -40.06
C LEU D 378 8.94 44.93 -41.42
N LEU D 379 10.22 44.73 -41.71
CA LEU D 379 10.77 45.18 -42.99
C LEU D 379 10.02 44.60 -44.17
N GLN D 380 9.78 43.28 -44.17
CA GLN D 380 9.18 42.66 -45.35
C GLN D 380 7.72 43.08 -45.53
N GLN D 381 6.95 43.13 -44.43
CA GLN D 381 5.55 43.53 -44.53
C GLN D 381 5.41 44.97 -44.99
N HIS D 382 6.19 45.88 -44.39
CA HIS D 382 6.16 47.27 -44.81
C HIS D 382 6.56 47.41 -46.28
N MET D 383 7.55 46.64 -46.71
CA MET D 383 7.94 46.66 -48.12
C MET D 383 6.84 46.11 -49.01
N GLU D 384 6.18 45.03 -48.57
CA GLU D 384 5.10 44.45 -49.36
C GLU D 384 3.99 45.46 -49.59
N LEU D 385 3.73 46.30 -48.60
CA LEU D 385 2.69 47.31 -48.67
C LEU D 385 2.96 48.38 -49.72
N LEU D 386 4.13 48.36 -50.36
CA LEU D 386 4.60 49.48 -51.16
C LEU D 386 4.99 49.08 -52.58
N LYS D 387 4.56 47.90 -52.98
CA LYS D 387 4.85 47.28 -54.24
C LYS D 387 3.89 47.65 -55.32
N SER D 388 3.14 48.74 -55.14
CA SER D 388 2.16 49.13 -56.13
C SER D 388 2.86 49.21 -57.46
N SER D 389 2.20 48.73 -58.50
CA SER D 389 2.79 48.70 -59.81
C SER D 389 3.14 50.10 -60.15
N VAL D 390 4.38 50.31 -60.58
CA VAL D 390 4.82 51.64 -60.88
C VAL D 390 4.16 52.22 -62.08
N ILE D 391 3.71 53.44 -61.89
CA ILE D 391 3.06 54.22 -62.95
C ILE D 391 4.12 55.04 -63.68
N PRO D 392 4.14 55.03 -65.01
CA PRO D 392 5.15 55.79 -65.75
C PRO D 392 4.70 57.20 -66.08
N LEU D 393 5.65 57.97 -66.61
CA LEU D 393 5.34 59.24 -67.26
C LEU D 393 4.96 58.92 -68.71
N MET D 394 3.75 59.31 -69.12
CA MET D 394 3.14 58.80 -70.35
C MET D 394 2.90 59.90 -71.37
N HIS D 395 3.16 59.55 -72.64
CA HIS D 395 2.76 60.22 -73.89
C HIS D 395 3.88 60.15 -74.93
#